data_1PCL
# 
_entry.id   1PCL 
# 
_audit_conform.dict_name       mmcif_pdbx.dic 
_audit_conform.dict_version    5.386 
_audit_conform.dict_location   http://mmcif.pdb.org/dictionaries/ascii/mmcif_pdbx.dic 
# 
loop_
_database_2.database_id 
_database_2.database_code 
_database_2.pdbx_database_accession 
_database_2.pdbx_DOI 
PDB   1PCL         pdb_00001pcl 10.2210/pdb1pcl/pdb 
WWPDB D_1000175603 ?            ?                   
# 
loop_
_pdbx_audit_revision_history.ordinal 
_pdbx_audit_revision_history.data_content_type 
_pdbx_audit_revision_history.major_revision 
_pdbx_audit_revision_history.minor_revision 
_pdbx_audit_revision_history.revision_date 
1 'Structure model' 1 0 1995-02-14 
2 'Structure model' 1 1 2008-03-24 
3 'Structure model' 1 2 2011-07-13 
4 'Structure model' 1 3 2024-02-14 
# 
_pdbx_audit_revision_details.ordinal             1 
_pdbx_audit_revision_details.revision_ordinal    1 
_pdbx_audit_revision_details.data_content_type   'Structure model' 
_pdbx_audit_revision_details.provider            repository 
_pdbx_audit_revision_details.type                'Initial release' 
_pdbx_audit_revision_details.description         ? 
_pdbx_audit_revision_details.details             ? 
# 
loop_
_pdbx_audit_revision_group.ordinal 
_pdbx_audit_revision_group.revision_ordinal 
_pdbx_audit_revision_group.data_content_type 
_pdbx_audit_revision_group.group 
1 2 'Structure model' 'Version format compliance' 
2 3 'Structure model' 'Version format compliance' 
3 4 'Structure model' 'Data collection'           
4 4 'Structure model' 'Database references'       
5 4 'Structure model' Other                       
# 
loop_
_pdbx_audit_revision_category.ordinal 
_pdbx_audit_revision_category.revision_ordinal 
_pdbx_audit_revision_category.data_content_type 
_pdbx_audit_revision_category.category 
1 4 'Structure model' chem_comp_atom       
2 4 'Structure model' chem_comp_bond       
3 4 'Structure model' database_2           
4 4 'Structure model' pdbx_database_status 
# 
loop_
_pdbx_audit_revision_item.ordinal 
_pdbx_audit_revision_item.revision_ordinal 
_pdbx_audit_revision_item.data_content_type 
_pdbx_audit_revision_item.item 
1 4 'Structure model' '_database_2.pdbx_DOI'                
2 4 'Structure model' '_database_2.pdbx_database_accession' 
3 4 'Structure model' '_pdbx_database_status.process_site'  
# 
_pdbx_database_status.status_code                     REL 
_pdbx_database_status.entry_id                        1PCL 
_pdbx_database_status.recvd_initial_deposition_date   1993-11-05 
_pdbx_database_status.deposit_site                    ? 
_pdbx_database_status.process_site                    BNL 
_pdbx_database_status.SG_entry                        . 
_pdbx_database_status.pdb_format_compatible           Y 
_pdbx_database_status.status_code_mr                  ? 
_pdbx_database_status.status_code_sf                  ? 
_pdbx_database_status.status_code_cs                  ? 
_pdbx_database_status.status_code_nmr_data            ? 
_pdbx_database_status.methods_development_category    ? 
# 
loop_
_audit_author.name 
_audit_author.pdbx_ordinal 
'Lietzke, S.E.' 1 
'Keen, N.T.'    2 
'Jurnak, F.'    3 
# 
loop_
_citation.id 
_citation.title 
_citation.journal_abbrev 
_citation.journal_volume 
_citation.page_first 
_citation.page_last 
_citation.year 
_citation.journal_id_ASTM 
_citation.country 
_citation.journal_id_ISSN 
_citation.journal_id_CSD 
_citation.book_publisher 
_citation.pdbx_database_id_PubMed 
_citation.pdbx_database_id_DOI 
primary 'Unusual structural features in the parallel beta-helix in pectate lyases.'                                               
Structure        1   241 251 1993 STRUE6 UK 0969-2126 2005 ? 8081738 '10.1016/0969-2126(93)90013-7' 
1       'The Refined Three-Dimensional Structure of Pectate Lyase E from Erwinia Chrysanthemi at 2.2 A Resolution.'               
'Plant Physiol.' 111 73  ?   1996 PLPHAY US 0032-0889 0765 ? ?       ?                              
2       'Preliminary Crystallographic Analysis of a Plant Pathogenic Factor: Pectate Lyase'                                       
J.Mol.Biol.      208 365 ?   1989 JMOBAK UK 0022-2836 0070 ? ?       ?                              
3       'Structure of Two Pectate Lyase Genes from Erwinia Chrysanthemi Ec16 and Their High-Level Expression in Escherichia Coli' 
J.Bacteriol.     168 595 ?   1986 JOBAAY US 0021-9193 0767 ? ?       ?                              
# 
loop_
_citation_author.citation_id 
_citation_author.name 
_citation_author.ordinal 
_citation_author.identifier_ORCID 
primary 'Yoder, M.D.'   1  ? 
primary 'Lietzke, S.E.' 2  ? 
primary 'Jurnak, F.'    3  ? 
1       'Lietzke, S.E.' 4  ? 
1       'Keen, N.T.'    5  ? 
1       'Jurnak, F.'    6  ? 
2       'Kim, C.-Y.'    7  ? 
2       'Mosser, V.'    8  ? 
2       'Keen, N.'      9  ? 
2       'Jurnak, F.'    10 ? 
3       'Keen, N.T.'    11 ? 
3       'Tamaki, S.'    12 ? 
# 
_entity.id                         1 
_entity.type                       polymer 
_entity.src_method                 man 
_entity.pdbx_description           'PECTATE LYASE E' 
_entity.formula_weight             38216.223 
_entity.pdbx_number_of_molecules   1 
_entity.pdbx_ec                    4.2.2.2 
_entity.pdbx_mutation              ? 
_entity.pdbx_fragment              ? 
_entity.details                    ? 
# 
_entity_poly.entity_id                      1 
_entity_poly.type                           'polypeptide(L)' 
_entity_poly.nstd_linkage                   no 
_entity_poly.nstd_monomer                   no 
_entity_poly.pdbx_seq_one_letter_code       
;AVETDAATTGWATQNGGTTGGAKAAKAVEVKNISDFKKALNGTDSSAKIIKVTGPIDISGGKAYTSFDDQKARSQISIPS
NTTIIGVGSNGKFTNGSLVIKGVKNVILRNLYIETPVDVAPHYESGDGWNAEWDAAVIDNSTNVWVDHVTISDGSFTDDK
YTTKDGEKYVQHDGALDIKKGSDYVTISYSRFELHDKTILIGHSDSNGSQDSGKLRVTFHNNVFDRVTERAPRVRFGSIH
AYNNVYLGDVKHSVYPYLYSFGLGTSGSILSESNSFTLSNLKSIDGKNPECSIVKQFNSKVFSDKGSLVNGSTTTKLDTC
GLTAYKPTLPYKYSAQTMTSSLATSINNNAGYGKL
;
_entity_poly.pdbx_seq_one_letter_code_can   
;AVETDAATTGWATQNGGTTGGAKAAKAVEVKNISDFKKALNGTDSSAKIIKVTGPIDISGGKAYTSFDDQKARSQISIPS
NTTIIGVGSNGKFTNGSLVIKGVKNVILRNLYIETPVDVAPHYESGDGWNAEWDAAVIDNSTNVWVDHVTISDGSFTDDK
YTTKDGEKYVQHDGALDIKKGSDYVTISYSRFELHDKTILIGHSDSNGSQDSGKLRVTFHNNVFDRVTERAPRVRFGSIH
AYNNVYLGDVKHSVYPYLYSFGLGTSGSILSESNSFTLSNLKSIDGKNPECSIVKQFNSKVFSDKGSLVNGSTTTKLDTC
GLTAYKPTLPYKYSAQTMTSSLATSINNNAGYGKL
;
_entity_poly.pdbx_strand_id                 A 
_entity_poly.pdbx_target_identifier         ? 
# 
loop_
_entity_poly_seq.entity_id 
_entity_poly_seq.num 
_entity_poly_seq.mon_id 
_entity_poly_seq.hetero 
1 1   ALA n 
1 2   VAL n 
1 3   GLU n 
1 4   THR n 
1 5   ASP n 
1 6   ALA n 
1 7   ALA n 
1 8   THR n 
1 9   THR n 
1 10  GLY n 
1 11  TRP n 
1 12  ALA n 
1 13  THR n 
1 14  GLN n 
1 15  ASN n 
1 16  GLY n 
1 17  GLY n 
1 18  THR n 
1 19  THR n 
1 20  GLY n 
1 21  GLY n 
1 22  ALA n 
1 23  LYS n 
1 24  ALA n 
1 25  ALA n 
1 26  LYS n 
1 27  ALA n 
1 28  VAL n 
1 29  GLU n 
1 30  VAL n 
1 31  LYS n 
1 32  ASN n 
1 33  ILE n 
1 34  SER n 
1 35  ASP n 
1 36  PHE n 
1 37  LYS n 
1 38  LYS n 
1 39  ALA n 
1 40  LEU n 
1 41  ASN n 
1 42  GLY n 
1 43  THR n 
1 44  ASP n 
1 45  SER n 
1 46  SER n 
1 47  ALA n 
1 48  LYS n 
1 49  ILE n 
1 50  ILE n 
1 51  LYS n 
1 52  VAL n 
1 53  THR n 
1 54  GLY n 
1 55  PRO n 
1 56  ILE n 
1 57  ASP n 
1 58  ILE n 
1 59  SER n 
1 60  GLY n 
1 61  GLY n 
1 62  LYS n 
1 63  ALA n 
1 64  TYR n 
1 65  THR n 
1 66  SER n 
1 67  PHE n 
1 68  ASP n 
1 69  ASP n 
1 70  GLN n 
1 71  LYS n 
1 72  ALA n 
1 73  ARG n 
1 74  SER n 
1 75  GLN n 
1 76  ILE n 
1 77  SER n 
1 78  ILE n 
1 79  PRO n 
1 80  SER n 
1 81  ASN n 
1 82  THR n 
1 83  THR n 
1 84  ILE n 
1 85  ILE n 
1 86  GLY n 
1 87  VAL n 
1 88  GLY n 
1 89  SER n 
1 90  ASN n 
1 91  GLY n 
1 92  LYS n 
1 93  PHE n 
1 94  THR n 
1 95  ASN n 
1 96  GLY n 
1 97  SER n 
1 98  LEU n 
1 99  VAL n 
1 100 ILE n 
1 101 LYS n 
1 102 GLY n 
1 103 VAL n 
1 104 LYS n 
1 105 ASN n 
1 106 VAL n 
1 107 ILE n 
1 108 LEU n 
1 109 ARG n 
1 110 ASN n 
1 111 LEU n 
1 112 TYR n 
1 113 ILE n 
1 114 GLU n 
1 115 THR n 
1 116 PRO n 
1 117 VAL n 
1 118 ASP n 
1 119 VAL n 
1 120 ALA n 
1 121 PRO n 
1 122 HIS n 
1 123 TYR n 
1 124 GLU n 
1 125 SER n 
1 126 GLY n 
1 127 ASP n 
1 128 GLY n 
1 129 TRP n 
1 130 ASN n 
1 131 ALA n 
1 132 GLU n 
1 133 TRP n 
1 134 ASP n 
1 135 ALA n 
1 136 ALA n 
1 137 VAL n 
1 138 ILE n 
1 139 ASP n 
1 140 ASN n 
1 141 SER n 
1 142 THR n 
1 143 ASN n 
1 144 VAL n 
1 145 TRP n 
1 146 VAL n 
1 147 ASP n 
1 148 HIS n 
1 149 VAL n 
1 150 THR n 
1 151 ILE n 
1 152 SER n 
1 153 ASP n 
1 154 GLY n 
1 155 SER n 
1 156 PHE n 
1 157 THR n 
1 158 ASP n 
1 159 ASP n 
1 160 LYS n 
1 161 TYR n 
1 162 THR n 
1 163 THR n 
1 164 LYS n 
1 165 ASP n 
1 166 GLY n 
1 167 GLU n 
1 168 LYS n 
1 169 TYR n 
1 170 VAL n 
1 171 GLN n 
1 172 HIS n 
1 173 ASP n 
1 174 GLY n 
1 175 ALA n 
1 176 LEU n 
1 177 ASP n 
1 178 ILE n 
1 179 LYS n 
1 180 LYS n 
1 181 GLY n 
1 182 SER n 
1 183 ASP n 
1 184 TYR n 
1 185 VAL n 
1 186 THR n 
1 187 ILE n 
1 188 SER n 
1 189 TYR n 
1 190 SER n 
1 191 ARG n 
1 192 PHE n 
1 193 GLU n 
1 194 LEU n 
1 195 HIS n 
1 196 ASP n 
1 197 LYS n 
1 198 THR n 
1 199 ILE n 
1 200 LEU n 
1 201 ILE n 
1 202 GLY n 
1 203 HIS n 
1 204 SER n 
1 205 ASP n 
1 206 SER n 
1 207 ASN n 
1 208 GLY n 
1 209 SER n 
1 210 GLN n 
1 211 ASP n 
1 212 SER n 
1 213 GLY n 
1 214 LYS n 
1 215 LEU n 
1 216 ARG n 
1 217 VAL n 
1 218 THR n 
1 219 PHE n 
1 220 HIS n 
1 221 ASN n 
1 222 ASN n 
1 223 VAL n 
1 224 PHE n 
1 225 ASP n 
1 226 ARG n 
1 227 VAL n 
1 228 THR n 
1 229 GLU n 
1 230 ARG n 
1 231 ALA n 
1 232 PRO n 
1 233 ARG n 
1 234 VAL n 
1 235 ARG n 
1 236 PHE n 
1 237 GLY n 
1 238 SER n 
1 239 ILE n 
1 240 HIS n 
1 241 ALA n 
1 242 TYR n 
1 243 ASN n 
1 244 ASN n 
1 245 VAL n 
1 246 TYR n 
1 247 LEU n 
1 248 GLY n 
1 249 ASP n 
1 250 VAL n 
1 251 LYS n 
1 252 HIS n 
1 253 SER n 
1 254 VAL n 
1 255 TYR n 
1 256 PRO n 
1 257 TYR n 
1 258 LEU n 
1 259 TYR n 
1 260 SER n 
1 261 PHE n 
1 262 GLY n 
1 263 LEU n 
1 264 GLY n 
1 265 THR n 
1 266 SER n 
1 267 GLY n 
1 268 SER n 
1 269 ILE n 
1 270 LEU n 
1 271 SER n 
1 272 GLU n 
1 273 SER n 
1 274 ASN n 
1 275 SER n 
1 276 PHE n 
1 277 THR n 
1 278 LEU n 
1 279 SER n 
1 280 ASN n 
1 281 LEU n 
1 282 LYS n 
1 283 SER n 
1 284 ILE n 
1 285 ASP n 
1 286 GLY n 
1 287 LYS n 
1 288 ASN n 
1 289 PRO n 
1 290 GLU n 
1 291 CYS n 
1 292 SER n 
1 293 ILE n 
1 294 VAL n 
1 295 LYS n 
1 296 GLN n 
1 297 PHE n 
1 298 ASN n 
1 299 SER n 
1 300 LYS n 
1 301 VAL n 
1 302 PHE n 
1 303 SER n 
1 304 ASP n 
1 305 LYS n 
1 306 GLY n 
1 307 SER n 
1 308 LEU n 
1 309 VAL n 
1 310 ASN n 
1 311 GLY n 
1 312 SER n 
1 313 THR n 
1 314 THR n 
1 315 THR n 
1 316 LYS n 
1 317 LEU n 
1 318 ASP n 
1 319 THR n 
1 320 CYS n 
1 321 GLY n 
1 322 LEU n 
1 323 THR n 
1 324 ALA n 
1 325 TYR n 
1 326 LYS n 
1 327 PRO n 
1 328 THR n 
1 329 LEU n 
1 330 PRO n 
1 331 TYR n 
1 332 LYS n 
1 333 TYR n 
1 334 SER n 
1 335 ALA n 
1 336 GLN n 
1 337 THR n 
1 338 MET n 
1 339 THR n 
1 340 SER n 
1 341 SER n 
1 342 LEU n 
1 343 ALA n 
1 344 THR n 
1 345 SER n 
1 346 ILE n 
1 347 ASN n 
1 348 ASN n 
1 349 ASN n 
1 350 ALA n 
1 351 GLY n 
1 352 TYR n 
1 353 GLY n 
1 354 LYS n 
1 355 LEU n 
# 
_entity_src_gen.entity_id                          1 
_entity_src_gen.pdbx_src_id                        1 
_entity_src_gen.pdbx_alt_source_flag               sample 
_entity_src_gen.pdbx_seq_type                      ? 
_entity_src_gen.pdbx_beg_seq_num                   ? 
_entity_src_gen.pdbx_end_seq_num                   ? 
_entity_src_gen.gene_src_common_name               ? 
_entity_src_gen.gene_src_genus                     Dickeya 
_entity_src_gen.pdbx_gene_src_gene                 'PPEL748 OF PELC' 
_entity_src_gen.gene_src_species                   ? 
_entity_src_gen.gene_src_strain                    ? 
_entity_src_gen.gene_src_tissue                    ? 
_entity_src_gen.gene_src_tissue_fraction           ? 
_entity_src_gen.gene_src_details                   ? 
_entity_src_gen.pdbx_gene_src_fragment             ? 
_entity_src_gen.pdbx_gene_src_scientific_name      'Erwinia chrysanthemi' 
_entity_src_gen.pdbx_gene_src_ncbi_taxonomy_id     556 
_entity_src_gen.pdbx_gene_src_variant              ? 
_entity_src_gen.pdbx_gene_src_cell_line            ? 
_entity_src_gen.pdbx_gene_src_atcc                 ? 
_entity_src_gen.pdbx_gene_src_organ                ? 
_entity_src_gen.pdbx_gene_src_organelle            ? 
_entity_src_gen.pdbx_gene_src_cell                 ? 
_entity_src_gen.pdbx_gene_src_cellular_location    ? 
_entity_src_gen.host_org_common_name               ? 
_entity_src_gen.pdbx_host_org_scientific_name      ? 
_entity_src_gen.pdbx_host_org_ncbi_taxonomy_id     ? 
_entity_src_gen.host_org_genus                     ? 
_entity_src_gen.pdbx_host_org_gene                 ? 
_entity_src_gen.pdbx_host_org_organ                ? 
_entity_src_gen.host_org_species                   ? 
_entity_src_gen.pdbx_host_org_tissue               ? 
_entity_src_gen.pdbx_host_org_tissue_fraction      ? 
_entity_src_gen.pdbx_host_org_strain               ? 
_entity_src_gen.pdbx_host_org_variant              ? 
_entity_src_gen.pdbx_host_org_cell_line            ? 
_entity_src_gen.pdbx_host_org_atcc                 ? 
_entity_src_gen.pdbx_host_org_culture_collection   ? 
_entity_src_gen.pdbx_host_org_cell                 ? 
_entity_src_gen.pdbx_host_org_organelle            ? 
_entity_src_gen.pdbx_host_org_cellular_location    ? 
_entity_src_gen.pdbx_host_org_vector_type          ? 
_entity_src_gen.pdbx_host_org_vector               ? 
_entity_src_gen.host_org_details                   ? 
_entity_src_gen.expression_system_id               ? 
_entity_src_gen.plasmid_name                       ? 
_entity_src_gen.plasmid_details                    ? 
_entity_src_gen.pdbx_description                   ? 
# 
loop_
_chem_comp.id 
_chem_comp.type 
_chem_comp.mon_nstd_flag 
_chem_comp.name 
_chem_comp.pdbx_synonyms 
_chem_comp.formula 
_chem_comp.formula_weight 
ALA 'L-peptide linking' y ALANINE         ? 'C3 H7 N O2'     89.093  
ARG 'L-peptide linking' y ARGININE        ? 'C6 H15 N4 O2 1' 175.209 
ASN 'L-peptide linking' y ASPARAGINE      ? 'C4 H8 N2 O3'    132.118 
ASP 'L-peptide linking' y 'ASPARTIC ACID' ? 'C4 H7 N O4'     133.103 
CYS 'L-peptide linking' y CYSTEINE        ? 'C3 H7 N O2 S'   121.158 
GLN 'L-peptide linking' y GLUTAMINE       ? 'C5 H10 N2 O3'   146.144 
GLU 'L-peptide linking' y 'GLUTAMIC ACID' ? 'C5 H9 N O4'     147.129 
GLY 'peptide linking'   y GLYCINE         ? 'C2 H5 N O2'     75.067  
HIS 'L-peptide linking' y HISTIDINE       ? 'C6 H10 N3 O2 1' 156.162 
ILE 'L-peptide linking' y ISOLEUCINE      ? 'C6 H13 N O2'    131.173 
LEU 'L-peptide linking' y LEUCINE         ? 'C6 H13 N O2'    131.173 
LYS 'L-peptide linking' y LYSINE          ? 'C6 H15 N2 O2 1' 147.195 
MET 'L-peptide linking' y METHIONINE      ? 'C5 H11 N O2 S'  149.211 
PHE 'L-peptide linking' y PHENYLALANINE   ? 'C9 H11 N O2'    165.189 
PRO 'L-peptide linking' y PROLINE         ? 'C5 H9 N O2'     115.130 
SER 'L-peptide linking' y SERINE          ? 'C3 H7 N O3'     105.093 
THR 'L-peptide linking' y THREONINE       ? 'C4 H9 N O3'     119.119 
TRP 'L-peptide linking' y TRYPTOPHAN      ? 'C11 H12 N2 O2'  204.225 
TYR 'L-peptide linking' y TYROSINE        ? 'C9 H11 N O3'    181.189 
VAL 'L-peptide linking' y VALINE          ? 'C5 H11 N O2'    117.146 
# 
loop_
_pdbx_poly_seq_scheme.asym_id 
_pdbx_poly_seq_scheme.entity_id 
_pdbx_poly_seq_scheme.seq_id 
_pdbx_poly_seq_scheme.mon_id 
_pdbx_poly_seq_scheme.ndb_seq_num 
_pdbx_poly_seq_scheme.pdb_seq_num 
_pdbx_poly_seq_scheme.auth_seq_num 
_pdbx_poly_seq_scheme.pdb_mon_id 
_pdbx_poly_seq_scheme.auth_mon_id 
_pdbx_poly_seq_scheme.pdb_strand_id 
_pdbx_poly_seq_scheme.pdb_ins_code 
_pdbx_poly_seq_scheme.hetero 
A 1 1   ALA 1   1   1   ALA ALA A . n 
A 1 2   VAL 2   2   2   VAL VAL A . n 
A 1 3   GLU 3   3   3   GLU GLU A . n 
A 1 4   THR 4   4   4   THR THR A . n 
A 1 5   ASP 5   5   5   ASP ASP A . n 
A 1 6   ALA 6   6   6   ALA ALA A . n 
A 1 7   ALA 7   7   7   ALA ALA A . n 
A 1 8   THR 8   8   8   THR THR A . n 
A 1 9   THR 9   9   9   THR THR A . n 
A 1 10  GLY 10  10  10  GLY GLY A . n 
A 1 11  TRP 11  11  11  TRP TRP A . n 
A 1 12  ALA 12  12  12  ALA ALA A . n 
A 1 13  THR 13  13  13  THR THR A . n 
A 1 14  GLN 14  14  14  GLN GLN A . n 
A 1 15  ASN 15  15  15  ASN ASN A . n 
A 1 16  GLY 16  16  16  GLY GLY A . n 
A 1 17  GLY 17  17  17  GLY GLY A . n 
A 1 18  THR 18  18  18  THR THR A . n 
A 1 19  THR 19  19  19  THR THR A . n 
A 1 20  GLY 20  20  20  GLY GLY A . n 
A 1 21  GLY 21  21  21  GLY GLY A . n 
A 1 22  ALA 22  22  22  ALA ALA A . n 
A 1 23  LYS 23  23  23  LYS LYS A . n 
A 1 24  ALA 24  24  24  ALA ALA A . n 
A 1 25  ALA 25  25  25  ALA ALA A . n 
A 1 26  LYS 26  26  26  LYS LYS A . n 
A 1 27  ALA 27  27  27  ALA ALA A . n 
A 1 28  VAL 28  28  28  VAL VAL A . n 
A 1 29  GLU 29  29  29  GLU GLU A . n 
A 1 30  VAL 30  30  30  VAL VAL A . n 
A 1 31  LYS 31  31  31  LYS LYS A . n 
A 1 32  ASN 32  32  32  ASN ASN A . n 
A 1 33  ILE 33  33  33  ILE ILE A . n 
A 1 34  SER 34  34  34  SER SER A . n 
A 1 35  ASP 35  35  35  ASP ASP A . n 
A 1 36  PHE 36  36  36  PHE PHE A . n 
A 1 37  LYS 37  37  37  LYS LYS A . n 
A 1 38  LYS 38  38  38  LYS LYS A . n 
A 1 39  ALA 39  39  39  ALA ALA A . n 
A 1 40  LEU 40  40  40  LEU LEU A . n 
A 1 41  ASN 41  41  41  ASN ASN A . n 
A 1 42  GLY 42  42  42  GLY GLY A . n 
A 1 43  THR 43  43  43  THR THR A . n 
A 1 44  ASP 44  44  44  ASP ASP A . n 
A 1 45  SER 45  45  45  SER SER A . n 
A 1 46  SER 46  46  46  SER SER A . n 
A 1 47  ALA 47  47  47  ALA ALA A . n 
A 1 48  LYS 48  48  48  LYS LYS A . n 
A 1 49  ILE 49  49  49  ILE ILE A . n 
A 1 50  ILE 50  50  50  ILE ILE A . n 
A 1 51  LYS 51  51  51  LYS LYS A . n 
A 1 52  VAL 52  52  52  VAL VAL A . n 
A 1 53  THR 53  53  53  THR THR A . n 
A 1 54  GLY 54  54  54  GLY GLY A . n 
A 1 55  PRO 55  55  55  PRO PRO A . n 
A 1 56  ILE 56  56  56  ILE ILE A . n 
A 1 57  ASP 57  57  57  ASP ASP A . n 
A 1 58  ILE 58  58  58  ILE ILE A . n 
A 1 59  SER 59  59  59  SER SER A . n 
A 1 60  GLY 60  60  60  GLY GLY A . n 
A 1 61  GLY 61  61  61  GLY GLY A . n 
A 1 62  LYS 62  62  62  LYS LYS A . n 
A 1 63  ALA 63  63  63  ALA ALA A . n 
A 1 64  TYR 64  64  64  TYR TYR A . n 
A 1 65  THR 65  65  65  THR THR A . n 
A 1 66  SER 66  66  66  SER SER A . n 
A 1 67  PHE 67  67  67  PHE PHE A . n 
A 1 68  ASP 68  68  68  ASP ASP A . n 
A 1 69  ASP 69  69  69  ASP ASP A . n 
A 1 70  GLN 70  70  70  GLN GLN A . n 
A 1 71  LYS 71  71  71  LYS LYS A . n 
A 1 72  ALA 72  72  72  ALA ALA A . n 
A 1 73  ARG 73  73  73  ARG ARG A . n 
A 1 74  SER 74  74  74  SER SER A . n 
A 1 75  GLN 75  75  75  GLN GLN A . n 
A 1 76  ILE 76  76  76  ILE ILE A . n 
A 1 77  SER 77  77  77  SER SER A . n 
A 1 78  ILE 78  78  78  ILE ILE A . n 
A 1 79  PRO 79  79  79  PRO PRO A . n 
A 1 80  SER 80  80  80  SER SER A . n 
A 1 81  ASN 81  81  81  ASN ASN A . n 
A 1 82  THR 82  82  82  THR THR A . n 
A 1 83  THR 83  83  83  THR THR A . n 
A 1 84  ILE 84  84  84  ILE ILE A . n 
A 1 85  ILE 85  85  85  ILE ILE A . n 
A 1 86  GLY 86  86  86  GLY GLY A . n 
A 1 87  VAL 87  87  87  VAL VAL A . n 
A 1 88  GLY 88  88  88  GLY GLY A . n 
A 1 89  SER 89  89  89  SER SER A . n 
A 1 90  ASN 90  90  90  ASN ASN A . n 
A 1 91  GLY 91  91  91  GLY GLY A . n 
A 1 92  LYS 92  92  92  LYS LYS A . n 
A 1 93  PHE 93  93  93  PHE PHE A . n 
A 1 94  THR 94  94  94  THR THR A . n 
A 1 95  ASN 95  95  95  ASN ASN A . n 
A 1 96  GLY 96  96  96  GLY GLY A . n 
A 1 97  SER 97  97  97  SER SER A . n 
A 1 98  LEU 98  98  98  LEU LEU A . n 
A 1 99  VAL 99  99  99  VAL VAL A . n 
A 1 100 ILE 100 100 100 ILE ILE A . n 
A 1 101 LYS 101 101 101 LYS LYS A . n 
A 1 102 GLY 102 102 102 GLY GLY A . n 
A 1 103 VAL 103 103 103 VAL VAL A . n 
A 1 104 LYS 104 104 104 LYS LYS A . n 
A 1 105 ASN 105 105 105 ASN ASN A . n 
A 1 106 VAL 106 106 106 VAL VAL A . n 
A 1 107 ILE 107 107 107 ILE ILE A . n 
A 1 108 LEU 108 108 108 LEU LEU A . n 
A 1 109 ARG 109 109 109 ARG ARG A . n 
A 1 110 ASN 110 110 110 ASN ASN A . n 
A 1 111 LEU 111 111 111 LEU LEU A . n 
A 1 112 TYR 112 112 112 TYR TYR A . n 
A 1 113 ILE 113 113 113 ILE ILE A . n 
A 1 114 GLU 114 114 114 GLU GLU A . n 
A 1 115 THR 115 115 115 THR THR A . n 
A 1 116 PRO 116 116 116 PRO PRO A . n 
A 1 117 VAL 117 117 117 VAL VAL A . n 
A 1 118 ASP 118 118 118 ASP ASP A . n 
A 1 119 VAL 119 119 119 VAL VAL A . n 
A 1 120 ALA 120 120 120 ALA ALA A . n 
A 1 121 PRO 121 121 121 PRO PRO A . n 
A 1 122 HIS 122 122 122 HIS HIS A . n 
A 1 123 TYR 123 123 123 TYR TYR A . n 
A 1 124 GLU 124 124 124 GLU GLU A . n 
A 1 125 SER 125 125 125 SER SER A . n 
A 1 126 GLY 126 126 126 GLY GLY A . n 
A 1 127 ASP 127 127 127 ASP ASP A . n 
A 1 128 GLY 128 128 128 GLY GLY A . n 
A 1 129 TRP 129 129 129 TRP TRP A . n 
A 1 130 ASN 130 130 130 ASN ASN A . n 
A 1 131 ALA 131 131 131 ALA ALA A . n 
A 1 132 GLU 132 132 132 GLU GLU A . n 
A 1 133 TRP 133 133 133 TRP TRP A . n 
A 1 134 ASP 134 134 134 ASP ASP A . n 
A 1 135 ALA 135 135 135 ALA ALA A . n 
A 1 136 ALA 136 136 136 ALA ALA A . n 
A 1 137 VAL 137 137 137 VAL VAL A . n 
A 1 138 ILE 138 138 138 ILE ILE A . n 
A 1 139 ASP 139 139 139 ASP ASP A . n 
A 1 140 ASN 140 140 140 ASN ASN A . n 
A 1 141 SER 141 141 141 SER SER A . n 
A 1 142 THR 142 142 142 THR THR A . n 
A 1 143 ASN 143 143 143 ASN ASN A . n 
A 1 144 VAL 144 144 144 VAL VAL A . n 
A 1 145 TRP 145 145 145 TRP TRP A . n 
A 1 146 VAL 146 146 146 VAL VAL A . n 
A 1 147 ASP 147 147 147 ASP ASP A . n 
A 1 148 HIS 148 148 148 HIS HIS A . n 
A 1 149 VAL 149 149 149 VAL VAL A . n 
A 1 150 THR 150 150 150 THR THR A . n 
A 1 151 ILE 151 151 151 ILE ILE A . n 
A 1 152 SER 152 152 152 SER SER A . n 
A 1 153 ASP 153 153 153 ASP ASP A . n 
A 1 154 GLY 154 154 154 GLY GLY A . n 
A 1 155 SER 155 155 155 SER SER A . n 
A 1 156 PHE 156 156 156 PHE PHE A . n 
A 1 157 THR 157 157 157 THR THR A . n 
A 1 158 ASP 158 158 158 ASP ASP A . n 
A 1 159 ASP 159 159 159 ASP ASP A . n 
A 1 160 LYS 160 160 160 LYS LYS A . n 
A 1 161 TYR 161 161 161 TYR TYR A . n 
A 1 162 THR 162 162 162 THR THR A . n 
A 1 163 THR 163 163 163 THR THR A . n 
A 1 164 LYS 164 164 164 LYS LYS A . n 
A 1 165 ASP 165 165 165 ASP ASP A . n 
A 1 166 GLY 166 166 166 GLY GLY A . n 
A 1 167 GLU 167 167 167 GLU GLU A . n 
A 1 168 LYS 168 168 168 LYS LYS A . n 
A 1 169 TYR 169 169 169 TYR TYR A . n 
A 1 170 VAL 170 170 170 VAL VAL A . n 
A 1 171 GLN 171 171 171 GLN GLN A . n 
A 1 172 HIS 172 172 172 HIS HIS A . n 
A 1 173 ASP 173 173 173 ASP ASP A . n 
A 1 174 GLY 174 174 174 GLY GLY A . n 
A 1 175 ALA 175 175 175 ALA ALA A . n 
A 1 176 LEU 176 176 176 LEU LEU A . n 
A 1 177 ASP 177 177 177 ASP ASP A . n 
A 1 178 ILE 178 178 178 ILE ILE A . n 
A 1 179 LYS 179 179 179 LYS LYS A . n 
A 1 180 LYS 180 180 180 LYS LYS A . n 
A 1 181 GLY 181 181 181 GLY GLY A . n 
A 1 182 SER 182 182 182 SER SER A . n 
A 1 183 ASP 183 183 183 ASP ASP A . n 
A 1 184 TYR 184 184 184 TYR TYR A . n 
A 1 185 VAL 185 185 185 VAL VAL A . n 
A 1 186 THR 186 186 186 THR THR A . n 
A 1 187 ILE 187 187 187 ILE ILE A . n 
A 1 188 SER 188 188 188 SER SER A . n 
A 1 189 TYR 189 189 189 TYR TYR A . n 
A 1 190 SER 190 190 190 SER SER A . n 
A 1 191 ARG 191 191 191 ARG ARG A . n 
A 1 192 PHE 192 192 192 PHE PHE A . n 
A 1 193 GLU 193 193 193 GLU GLU A . n 
A 1 194 LEU 194 194 194 LEU LEU A . n 
A 1 195 HIS 195 195 195 HIS HIS A . n 
A 1 196 ASP 196 196 196 ASP ASP A . n 
A 1 197 LYS 197 197 197 LYS LYS A . n 
A 1 198 THR 198 198 198 THR THR A . n 
A 1 199 ILE 199 199 199 ILE ILE A . n 
A 1 200 LEU 200 200 200 LEU LEU A . n 
A 1 201 ILE 201 201 201 ILE ILE A . n 
A 1 202 GLY 202 202 202 GLY GLY A . n 
A 1 203 HIS 203 203 203 HIS HIS A . n 
A 1 204 SER 204 204 204 SER SER A . n 
A 1 205 ASP 205 205 205 ASP ASP A . n 
A 1 206 SER 206 206 206 SER SER A . n 
A 1 207 ASN 207 207 207 ASN ASN A . n 
A 1 208 GLY 208 208 208 GLY GLY A . n 
A 1 209 SER 209 209 209 SER SER A . n 
A 1 210 GLN 210 210 210 GLN GLN A . n 
A 1 211 ASP 211 211 211 ASP ASP A . n 
A 1 212 SER 212 212 212 SER SER A . n 
A 1 213 GLY 213 213 213 GLY GLY A . n 
A 1 214 LYS 214 214 214 LYS LYS A . n 
A 1 215 LEU 215 215 215 LEU LEU A . n 
A 1 216 ARG 216 216 216 ARG ARG A . n 
A 1 217 VAL 217 217 217 VAL VAL A . n 
A 1 218 THR 218 218 218 THR THR A . n 
A 1 219 PHE 219 219 219 PHE PHE A . n 
A 1 220 HIS 220 220 220 HIS HIS A . n 
A 1 221 ASN 221 221 221 ASN ASN A . n 
A 1 222 ASN 222 222 222 ASN ASN A . n 
A 1 223 VAL 223 223 223 VAL VAL A . n 
A 1 224 PHE 224 224 224 PHE PHE A . n 
A 1 225 ASP 225 225 225 ASP ASP A . n 
A 1 226 ARG 226 226 226 ARG ARG A . n 
A 1 227 VAL 227 227 227 VAL VAL A . n 
A 1 228 THR 228 228 228 THR THR A . n 
A 1 229 GLU 229 229 229 GLU GLU A . n 
A 1 230 ARG 230 230 230 ARG ARG A . n 
A 1 231 ALA 231 231 231 ALA ALA A . n 
A 1 232 PRO 232 232 232 PRO PRO A . n 
A 1 233 ARG 233 233 233 ARG ARG A . n 
A 1 234 VAL 234 234 234 VAL VAL A . n 
A 1 235 ARG 235 235 235 ARG ARG A . n 
A 1 236 PHE 236 236 236 PHE PHE A . n 
A 1 237 GLY 237 237 237 GLY GLY A . n 
A 1 238 SER 238 238 238 SER SER A . n 
A 1 239 ILE 239 239 239 ILE ILE A . n 
A 1 240 HIS 240 240 240 HIS HIS A . n 
A 1 241 ALA 241 241 241 ALA ALA A . n 
A 1 242 TYR 242 242 242 TYR TYR A . n 
A 1 243 ASN 243 243 243 ASN ASN A . n 
A 1 244 ASN 244 244 244 ASN ASN A . n 
A 1 245 VAL 245 245 245 VAL VAL A . n 
A 1 246 TYR 246 246 246 TYR TYR A . n 
A 1 247 LEU 247 247 247 LEU LEU A . n 
A 1 248 GLY 248 248 248 GLY GLY A . n 
A 1 249 ASP 249 249 249 ASP ASP A . n 
A 1 250 VAL 250 250 250 VAL VAL A . n 
A 1 251 LYS 251 251 251 LYS LYS A . n 
A 1 252 HIS 252 252 252 HIS HIS A . n 
A 1 253 SER 253 253 253 SER SER A . n 
A 1 254 VAL 254 254 254 VAL VAL A . n 
A 1 255 TYR 255 255 255 TYR TYR A . n 
A 1 256 PRO 256 256 256 PRO PRO A . n 
A 1 257 TYR 257 257 257 TYR TYR A . n 
A 1 258 LEU 258 258 258 LEU LEU A . n 
A 1 259 TYR 259 259 259 TYR TYR A . n 
A 1 260 SER 260 260 260 SER SER A . n 
A 1 261 PHE 261 261 261 PHE PHE A . n 
A 1 262 GLY 262 262 262 GLY GLY A . n 
A 1 263 LEU 263 263 263 LEU LEU A . n 
A 1 264 GLY 264 264 264 GLY GLY A . n 
A 1 265 THR 265 265 265 THR THR A . n 
A 1 266 SER 266 266 266 SER SER A . n 
A 1 267 GLY 267 267 267 GLY GLY A . n 
A 1 268 SER 268 268 268 SER SER A . n 
A 1 269 ILE 269 269 269 ILE ILE A . n 
A 1 270 LEU 270 270 270 LEU LEU A . n 
A 1 271 SER 271 271 271 SER SER A . n 
A 1 272 GLU 272 272 272 GLU GLU A . n 
A 1 273 SER 273 273 273 SER SER A . n 
A 1 274 ASN 274 274 274 ASN ASN A . n 
A 1 275 SER 275 275 275 SER SER A . n 
A 1 276 PHE 276 276 276 PHE PHE A . n 
A 1 277 THR 277 277 277 THR THR A . n 
A 1 278 LEU 278 278 278 LEU LEU A . n 
A 1 279 SER 279 279 279 SER SER A . n 
A 1 280 ASN 280 280 280 ASN ASN A . n 
A 1 281 LEU 281 281 281 LEU LEU A . n 
A 1 282 LYS 282 282 282 LYS LYS A . n 
A 1 283 SER 283 283 283 SER SER A . n 
A 1 284 ILE 284 284 284 ILE ILE A . n 
A 1 285 ASP 285 285 285 ASP ASP A . n 
A 1 286 GLY 286 286 286 GLY GLY A . n 
A 1 287 LYS 287 287 287 LYS LYS A . n 
A 1 288 ASN 288 288 288 ASN ASN A . n 
A 1 289 PRO 289 289 289 PRO PRO A . n 
A 1 290 GLU 290 290 290 GLU GLU A . n 
A 1 291 CYS 291 291 291 CYS CYS A . n 
A 1 292 SER 292 292 292 SER SER A . n 
A 1 293 ILE 293 293 293 ILE ILE A . n 
A 1 294 VAL 294 294 294 VAL VAL A . n 
A 1 295 LYS 295 295 295 LYS LYS A . n 
A 1 296 GLN 296 296 296 GLN GLN A . n 
A 1 297 PHE 297 297 297 PHE PHE A . n 
A 1 298 ASN 298 298 298 ASN ASN A . n 
A 1 299 SER 299 299 299 SER SER A . n 
A 1 300 LYS 300 300 300 LYS LYS A . n 
A 1 301 VAL 301 301 301 VAL VAL A . n 
A 1 302 PHE 302 302 302 PHE PHE A . n 
A 1 303 SER 303 303 303 SER SER A . n 
A 1 304 ASP 304 304 304 ASP ASP A . n 
A 1 305 LYS 305 305 305 LYS LYS A . n 
A 1 306 GLY 306 306 306 GLY GLY A . n 
A 1 307 SER 307 307 307 SER SER A . n 
A 1 308 LEU 308 308 308 LEU LEU A . n 
A 1 309 VAL 309 309 309 VAL VAL A . n 
A 1 310 ASN 310 310 310 ASN ASN A . n 
A 1 311 GLY 311 311 311 GLY GLY A . n 
A 1 312 SER 312 312 312 SER SER A . n 
A 1 313 THR 313 313 313 THR THR A . n 
A 1 314 THR 314 314 314 THR THR A . n 
A 1 315 THR 315 315 315 THR THR A . n 
A 1 316 LYS 316 316 316 LYS LYS A . n 
A 1 317 LEU 317 317 317 LEU LEU A . n 
A 1 318 ASP 318 318 318 ASP ASP A . n 
A 1 319 THR 319 319 319 THR THR A . n 
A 1 320 CYS 320 320 320 CYS CYS A . n 
A 1 321 GLY 321 321 321 GLY GLY A . n 
A 1 322 LEU 322 322 322 LEU LEU A . n 
A 1 323 THR 323 323 323 THR THR A . n 
A 1 324 ALA 324 324 324 ALA ALA A . n 
A 1 325 TYR 325 325 325 TYR TYR A . n 
A 1 326 LYS 326 326 326 LYS LYS A . n 
A 1 327 PRO 327 327 327 PRO PRO A . n 
A 1 328 THR 328 328 328 THR THR A . n 
A 1 329 LEU 329 329 329 LEU LEU A . n 
A 1 330 PRO 330 330 330 PRO PRO A . n 
A 1 331 TYR 331 331 331 TYR TYR A . n 
A 1 332 LYS 332 332 332 LYS LYS A . n 
A 1 333 TYR 333 333 333 TYR TYR A . n 
A 1 334 SER 334 334 334 SER SER A . n 
A 1 335 ALA 335 335 335 ALA ALA A . n 
A 1 336 GLN 336 336 336 GLN GLN A . n 
A 1 337 THR 337 337 337 THR THR A . n 
A 1 338 MET 338 338 338 MET MET A . n 
A 1 339 THR 339 339 339 THR THR A . n 
A 1 340 SER 340 340 340 SER SER A . n 
A 1 341 SER 341 341 341 SER SER A . n 
A 1 342 LEU 342 342 342 LEU LEU A . n 
A 1 343 ALA 343 343 343 ALA ALA A . n 
A 1 344 THR 344 344 344 THR THR A . n 
A 1 345 SER 345 345 345 SER SER A . n 
A 1 346 ILE 346 346 346 ILE ILE A . n 
A 1 347 ASN 347 347 347 ASN ASN A . n 
A 1 348 ASN 348 348 348 ASN ASN A . n 
A 1 349 ASN 349 349 349 ASN ASN A . n 
A 1 350 ALA 350 350 350 ALA ALA A . n 
A 1 351 GLY 351 351 351 GLY GLY A . n 
A 1 352 TYR 352 352 352 TYR TYR A . n 
A 1 353 GLY 353 353 353 GLY GLY A . n 
A 1 354 LYS 354 354 354 LYS LYS A . n 
A 1 355 LEU 355 355 355 LEU LEU A . n 
# 
loop_
_software.name 
_software.classification 
_software.version 
_software.citation_id 
_software.pdbx_ordinal 
X-PLOR 'model building' . ? 1 
X-PLOR refinement       . ? 2 
X-PLOR phasing          . ? 3 
# 
_cell.entry_id           1PCL 
_cell.length_a           38.790 
_cell.length_b           91.140 
_cell.length_c           102.990 
_cell.angle_alpha        90.00 
_cell.angle_beta         90.00 
_cell.angle_gamma        90.00 
_cell.Z_PDB              4 
_cell.pdbx_unique_axis   ? 
# 
_symmetry.entry_id                         1PCL 
_symmetry.space_group_name_H-M             'P 21 21 21' 
_symmetry.pdbx_full_space_group_name_H-M   ? 
_symmetry.cell_setting                     ? 
_symmetry.Int_Tables_number                19 
# 
_exptl.entry_id          1PCL 
_exptl.method            'X-RAY DIFFRACTION' 
_exptl.crystals_number   ? 
# 
_exptl_crystal.id                    1 
_exptl_crystal.density_meas          ? 
_exptl_crystal.density_Matthews      2.38 
_exptl_crystal.density_percent_sol   48.36 
_exptl_crystal.description           ? 
# 
_diffrn.id                     1 
_diffrn.ambient_temp           ? 
_diffrn.ambient_temp_details   ? 
_diffrn.crystal_id             1 
# 
_diffrn_radiation.diffrn_id                        1 
_diffrn_radiation.wavelength_id                    1 
_diffrn_radiation.pdbx_monochromatic_or_laue_m_l   ? 
_diffrn_radiation.monochromator                    ? 
_diffrn_radiation.pdbx_diffrn_protocol             ? 
_diffrn_radiation.pdbx_scattering_type             x-ray 
# 
_diffrn_radiation_wavelength.id           1 
_diffrn_radiation_wavelength.wavelength   . 
_diffrn_radiation_wavelength.wt           1.0 
# 
_refine.entry_id                                 1PCL 
_refine.ls_number_reflns_obs                     16846 
_refine.ls_number_reflns_all                     ? 
_refine.pdbx_ls_sigma_I                          ? 
_refine.pdbx_ls_sigma_F                          2.0 
_refine.pdbx_data_cutoff_high_absF               ? 
_refine.pdbx_data_cutoff_low_absF                ? 
_refine.pdbx_data_cutoff_high_rms_absF           ? 
_refine.ls_d_res_low                             8.0 
_refine.ls_d_res_high                            2.2 
_refine.ls_percent_reflns_obs                    ? 
_refine.ls_R_factor_obs                          0.206 
_refine.ls_R_factor_all                          ? 
_refine.ls_R_factor_R_work                       0.206 
_refine.ls_R_factor_R_free                       ? 
_refine.ls_R_factor_R_free_error                 ? 
_refine.ls_R_factor_R_free_error_details         ? 
_refine.ls_percent_reflns_R_free                 ? 
_refine.ls_number_reflns_R_free                  ? 
_refine.ls_number_parameters                     ? 
_refine.ls_number_restraints                     ? 
_refine.occupancy_min                            ? 
_refine.occupancy_max                            ? 
_refine.B_iso_mean                               ? 
_refine.aniso_B[1][1]                            ? 
_refine.aniso_B[2][2]                            ? 
_refine.aniso_B[3][3]                            ? 
_refine.aniso_B[1][2]                            ? 
_refine.aniso_B[1][3]                            ? 
_refine.aniso_B[2][3]                            ? 
_refine.solvent_model_details                    ? 
_refine.solvent_model_param_ksol                 ? 
_refine.solvent_model_param_bsol                 ? 
_refine.pdbx_ls_cross_valid_method               ? 
_refine.details                                  ? 
_refine.pdbx_starting_model                      ? 
_refine.pdbx_method_to_determine_struct          ? 
_refine.pdbx_isotropic_thermal_model             ? 
_refine.pdbx_stereochemistry_target_values       ? 
_refine.pdbx_stereochem_target_val_spec_case     ? 
_refine.pdbx_R_Free_selection_details            ? 
_refine.pdbx_overall_ESU_R                       ? 
_refine.pdbx_overall_ESU_R_Free                  ? 
_refine.overall_SU_ML                            ? 
_refine.overall_SU_B                             ? 
_refine.pdbx_refine_id                           'X-RAY DIFFRACTION' 
_refine.pdbx_diffrn_id                           1 
_refine.pdbx_TLS_residual_ADP_flag               ? 
_refine.correlation_coeff_Fo_to_Fc               ? 
_refine.correlation_coeff_Fo_to_Fc_free          ? 
_refine.pdbx_solvent_vdw_probe_radii             ? 
_refine.pdbx_solvent_ion_probe_radii             ? 
_refine.pdbx_solvent_shrinkage_radii             ? 
_refine.pdbx_overall_phase_error                 ? 
_refine.overall_SU_R_Cruickshank_DPI             ? 
_refine.pdbx_overall_SU_R_free_Cruickshank_DPI   ? 
_refine.pdbx_overall_SU_R_Blow_DPI               ? 
_refine.pdbx_overall_SU_R_free_Blow_DPI          ? 
# 
_refine_hist.pdbx_refine_id                   'X-RAY DIFFRACTION' 
_refine_hist.cycle_id                         LAST 
_refine_hist.pdbx_number_atoms_protein        355 
_refine_hist.pdbx_number_atoms_nucleic_acid   0 
_refine_hist.pdbx_number_atoms_ligand         0 
_refine_hist.number_atoms_solvent             0 
_refine_hist.number_atoms_total               355 
_refine_hist.d_res_high                       2.2 
_refine_hist.d_res_low                        8.0 
# 
loop_
_refine_ls_restr.type 
_refine_ls_restr.dev_ideal 
_refine_ls_restr.dev_ideal_target 
_refine_ls_restr.weight 
_refine_ls_restr.number 
_refine_ls_restr.pdbx_refine_id 
_refine_ls_restr.pdbx_restraint_function 
x_bond_d                0.006 ? ? ? 'X-RAY DIFFRACTION' ? 
x_bond_d_na             ?     ? ? ? 'X-RAY DIFFRACTION' ? 
x_bond_d_prot           ?     ? ? ? 'X-RAY DIFFRACTION' ? 
x_angle_d               ?     ? ? ? 'X-RAY DIFFRACTION' ? 
x_angle_d_na            ?     ? ? ? 'X-RAY DIFFRACTION' ? 
x_angle_d_prot          ?     ? ? ? 'X-RAY DIFFRACTION' ? 
x_angle_deg             1.56  ? ? ? 'X-RAY DIFFRACTION' ? 
x_angle_deg_na          ?     ? ? ? 'X-RAY DIFFRACTION' ? 
x_angle_deg_prot        ?     ? ? ? 'X-RAY DIFFRACTION' ? 
x_dihedral_angle_d      ?     ? ? ? 'X-RAY DIFFRACTION' ? 
x_dihedral_angle_d_na   ?     ? ? ? 'X-RAY DIFFRACTION' ? 
x_dihedral_angle_d_prot ?     ? ? ? 'X-RAY DIFFRACTION' ? 
x_improper_angle_d      ?     ? ? ? 'X-RAY DIFFRACTION' ? 
x_improper_angle_d_na   ?     ? ? ? 'X-RAY DIFFRACTION' ? 
x_improper_angle_d_prot ?     ? ? ? 'X-RAY DIFFRACTION' ? 
x_mcbond_it             ?     ? ? ? 'X-RAY DIFFRACTION' ? 
x_mcangle_it            ?     ? ? ? 'X-RAY DIFFRACTION' ? 
x_scbond_it             ?     ? ? ? 'X-RAY DIFFRACTION' ? 
x_scangle_it            ?     ? ? ? 'X-RAY DIFFRACTION' ? 
# 
_struct.entry_id                  1PCL 
_struct.title                     'UNUSUAL STRUCTURAL FEATURES IN THE PARALLEL BETA-HELIX IN PECTATE LYASES' 
_struct.pdbx_model_details        ? 
_struct.pdbx_CASP_flag            ? 
_struct.pdbx_model_type_details   ? 
# 
_struct_keywords.entry_id        1PCL 
_struct_keywords.pdbx_keywords   'LYASE (ACTING ON POLYSACCHARIDES)' 
_struct_keywords.text            'LYASE (ACTING ON POLYSACCHARIDES)' 
# 
_struct_asym.id                            A 
_struct_asym.pdbx_blank_PDB_chainid_flag   N 
_struct_asym.pdbx_modified                 N 
_struct_asym.entity_id                     1 
_struct_asym.details                       ? 
# 
_struct_ref.id                         1 
_struct_ref.db_name                    UNP 
_struct_ref.db_code                    PELE1_ERWCH 
_struct_ref.entity_id                  1 
_struct_ref.pdbx_db_accession          P04960 
_struct_ref.pdbx_align_begin           1 
_struct_ref.pdbx_seq_one_letter_code   
;MKNTRVRSIGTKSLLAAVVTAALMATSAYAAVETDAATTGWATQNGGTTGGAKAAKAVEVKNISDFKKALNGTDSSAKII
KVTGPIDISGGKAYTSFDDQKARSQISIPSNTTIIGVGSNGKFTNGSLVIKGVKNVILRNLYIETPVDVAPHYESGDGWN
AEWDAAVIDNSTNVWVDHVTISDGSFTDDKYTTKDGEKYVQHDGALDIKKGSDYVTISYSRFELHDKTILIGHSDSNGSQ
DSGKLRVTFHNNVFDRVTERAPRVRFGSIHAYNNVYLGDVKHSVYPYLYSFGLGTSGSILSESNSFTLSNLKSIDGKNPE
CSIVKQFNSKVFSDKGSLVNGSTTTKLDTCGLTAYKPTLPYKYSAQTMTSSLATSINNNAGYGKL
;
_struct_ref.pdbx_db_isoform            ? 
# 
_struct_ref_seq.align_id                      1 
_struct_ref_seq.ref_id                        1 
_struct_ref_seq.pdbx_PDB_id_code              1PCL 
_struct_ref_seq.pdbx_strand_id                A 
_struct_ref_seq.seq_align_beg                 1 
_struct_ref_seq.pdbx_seq_align_beg_ins_code   ? 
_struct_ref_seq.seq_align_end                 355 
_struct_ref_seq.pdbx_seq_align_end_ins_code   ? 
_struct_ref_seq.pdbx_db_accession             P04960 
_struct_ref_seq.db_align_beg                  31 
_struct_ref_seq.pdbx_db_align_beg_ins_code    ? 
_struct_ref_seq.db_align_end                  385 
_struct_ref_seq.pdbx_db_align_end_ins_code    ? 
_struct_ref_seq.pdbx_auth_seq_align_beg       1 
_struct_ref_seq.pdbx_auth_seq_align_end       355 
# 
_pdbx_struct_assembly.id                   1 
_pdbx_struct_assembly.details              author_defined_assembly 
_pdbx_struct_assembly.method_details       ? 
_pdbx_struct_assembly.oligomeric_details   monomeric 
_pdbx_struct_assembly.oligomeric_count     1 
# 
_pdbx_struct_assembly_gen.assembly_id       1 
_pdbx_struct_assembly_gen.oper_expression   1 
_pdbx_struct_assembly_gen.asym_id_list      A 
# 
_pdbx_struct_oper_list.id                   1 
_pdbx_struct_oper_list.type                 'identity operation' 
_pdbx_struct_oper_list.name                 1_555 
_pdbx_struct_oper_list.symmetry_operation   x,y,z 
_pdbx_struct_oper_list.matrix[1][1]         1.0000000000 
_pdbx_struct_oper_list.matrix[1][2]         0.0000000000 
_pdbx_struct_oper_list.matrix[1][3]         0.0000000000 
_pdbx_struct_oper_list.vector[1]            0.0000000000 
_pdbx_struct_oper_list.matrix[2][1]         0.0000000000 
_pdbx_struct_oper_list.matrix[2][2]         1.0000000000 
_pdbx_struct_oper_list.matrix[2][3]         0.0000000000 
_pdbx_struct_oper_list.vector[2]            0.0000000000 
_pdbx_struct_oper_list.matrix[3][1]         0.0000000000 
_pdbx_struct_oper_list.matrix[3][2]         0.0000000000 
_pdbx_struct_oper_list.matrix[3][3]         1.0000000000 
_pdbx_struct_oper_list.vector[3]            0.0000000000 
# 
_struct_biol.id   1 
# 
loop_
_struct_conf.conf_type_id 
_struct_conf.id 
_struct_conf.pdbx_PDB_helix_id 
_struct_conf.beg_label_comp_id 
_struct_conf.beg_label_asym_id 
_struct_conf.beg_label_seq_id 
_struct_conf.pdbx_beg_PDB_ins_code 
_struct_conf.end_label_comp_id 
_struct_conf.end_label_asym_id 
_struct_conf.end_label_seq_id 
_struct_conf.pdbx_end_PDB_ins_code 
_struct_conf.beg_auth_comp_id 
_struct_conf.beg_auth_asym_id 
_struct_conf.beg_auth_seq_id 
_struct_conf.end_auth_comp_id 
_struct_conf.end_auth_asym_id 
_struct_conf.end_auth_seq_id 
_struct_conf.pdbx_PDB_helix_class 
_struct_conf.details 
_struct_conf.pdbx_PDB_helix_length 
HELX_P HELX_P1 A ILE A 33  ? LEU A 40  ? ILE A 33  LEU A 40  1 ? 8  
HELX_P HELX_P2 B PHE A 67  ? SER A 74  ? PHE A 67  SER A 74  1 ? 8  
HELX_P HELX_P3 C GLY A 208 ? ASP A 211 ? GLY A 208 ASP A 211 1 ? 4  
HELX_P HELX_P4 D PRO A 289 ? SER A 292 ? PRO A 289 SER A 292 5 ? 4  
HELX_P HELX_P5 E SER A 340 ? ASN A 349 ? SER A 340 ASN A 349 1 ? 10 
# 
_struct_conf_type.id          HELX_P 
_struct_conf_type.criteria    ? 
_struct_conf_type.reference   ? 
# 
loop_
_struct_sheet.id 
_struct_sheet.type 
_struct_sheet.number_strands 
_struct_sheet.details 
PB1 ? 8  ? 
PB2 ? 10 ? 
PB3 ? 6  ? 
# 
loop_
_struct_sheet_order.sheet_id 
_struct_sheet_order.range_id_1 
_struct_sheet_order.range_id_2 
_struct_sheet_order.offset 
_struct_sheet_order.sense 
PB1 1 2  ? parallel 
PB1 2 3  ? parallel 
PB1 3 4  ? parallel 
PB1 4 5  ? parallel 
PB1 5 6  ? parallel 
PB1 6 7  ? parallel 
PB1 7 8  ? parallel 
PB2 1 2  ? parallel 
PB2 2 3  ? parallel 
PB2 3 4  ? parallel 
PB2 4 5  ? parallel 
PB2 5 6  ? parallel 
PB2 6 7  ? parallel 
PB2 7 8  ? parallel 
PB2 8 9  ? parallel 
PB2 9 10 ? parallel 
PB3 1 2  ? parallel 
PB3 2 3  ? parallel 
PB3 3 4  ? parallel 
PB3 4 5  ? parallel 
PB3 5 6  ? parallel 
# 
loop_
_struct_sheet_range.sheet_id 
_struct_sheet_range.id 
_struct_sheet_range.beg_label_comp_id 
_struct_sheet_range.beg_label_asym_id 
_struct_sheet_range.beg_label_seq_id 
_struct_sheet_range.pdbx_beg_PDB_ins_code 
_struct_sheet_range.end_label_comp_id 
_struct_sheet_range.end_label_asym_id 
_struct_sheet_range.end_label_seq_id 
_struct_sheet_range.pdbx_end_PDB_ins_code 
_struct_sheet_range.beg_auth_comp_id 
_struct_sheet_range.beg_auth_asym_id 
_struct_sheet_range.beg_auth_seq_id 
_struct_sheet_range.end_auth_comp_id 
_struct_sheet_range.end_auth_asym_id 
_struct_sheet_range.end_auth_seq_id 
PB1 1  ILE A 76  ? PRO A 79  ? ILE A 76  PRO A 79  
PB1 2  SER A 97  ? ILE A 100 ? SER A 97  ILE A 100 
PB1 3  ALA A 136 ? ASP A 139 ? ALA A 136 ASP A 139 
PB1 4  LEU A 176 ? LYS A 179 ? LEU A 176 LYS A 179 
PB1 5  ILE A 199 ? ILE A 201 ? ILE A 199 ILE A 201 
PB1 6  ARG A 233 ? VAL A 234 ? ARG A 233 VAL A 234 
PB1 7  PHE A 261 ? GLY A 264 ? PHE A 261 GLY A 264 
PB1 8  VAL A 294 ? GLN A 296 ? VAL A 294 GLN A 296 
PB2 1  ALA A 27  ? VAL A 30  ? ALA A 27  VAL A 30  
PB2 2  LYS A 48  ? VAL A 52  ? LYS A 48  VAL A 52  
PB2 3  THR A 82  ? ILE A 85  ? THR A 82  ILE A 85  
PB2 4  VAL A 106 ? ARG A 109 ? VAL A 106 ARG A 109 
PB2 5  VAL A 144 ? ASP A 147 ? VAL A 144 ASP A 147 
PB2 6  VAL A 185 ? SER A 188 ? VAL A 185 SER A 188 
PB2 7  VAL A 217 ? HIS A 220 ? VAL A 217 HIS A 220 
PB2 8  SER A 238 ? TYR A 242 ? SER A 238 TYR A 242 
PB2 9  SER A 268 ? GLU A 272 ? SER A 268 GLU A 272 
PB2 10 PHE A 302 ? LYS A 305 ? PHE A 302 LYS A 305 
PB3 1  TYR A 112 ? ILE A 113 ? TYR A 112 ILE A 113 
PB3 2  THR A 150 ? SER A 152 ? THR A 150 SER A 152 
PB3 3  ARG A 191 ? GLU A 193 ? ARG A 191 GLU A 193 
PB3 4  VAL A 223 ? ASP A 225 ? VAL A 223 ASP A 225 
PB3 5  VAL A 245 ? LEU A 247 ? VAL A 245 LEU A 247 
PB3 6  SER A 275 ? THR A 277 ? SER A 275 THR A 277 
# 
loop_
_chem_comp_atom.comp_id 
_chem_comp_atom.atom_id 
_chem_comp_atom.type_symbol 
_chem_comp_atom.pdbx_aromatic_flag 
_chem_comp_atom.pdbx_stereo_config 
_chem_comp_atom.pdbx_ordinal 
ALA N    N N N 1   
ALA CA   C N S 2   
ALA C    C N N 3   
ALA O    O N N 4   
ALA CB   C N N 5   
ALA OXT  O N N 6   
ALA H    H N N 7   
ALA H2   H N N 8   
ALA HA   H N N 9   
ALA HB1  H N N 10  
ALA HB2  H N N 11  
ALA HB3  H N N 12  
ALA HXT  H N N 13  
ARG N    N N N 14  
ARG CA   C N S 15  
ARG C    C N N 16  
ARG O    O N N 17  
ARG CB   C N N 18  
ARG CG   C N N 19  
ARG CD   C N N 20  
ARG NE   N N N 21  
ARG CZ   C N N 22  
ARG NH1  N N N 23  
ARG NH2  N N N 24  
ARG OXT  O N N 25  
ARG H    H N N 26  
ARG H2   H N N 27  
ARG HA   H N N 28  
ARG HB2  H N N 29  
ARG HB3  H N N 30  
ARG HG2  H N N 31  
ARG HG3  H N N 32  
ARG HD2  H N N 33  
ARG HD3  H N N 34  
ARG HE   H N N 35  
ARG HH11 H N N 36  
ARG HH12 H N N 37  
ARG HH21 H N N 38  
ARG HH22 H N N 39  
ARG HXT  H N N 40  
ASN N    N N N 41  
ASN CA   C N S 42  
ASN C    C N N 43  
ASN O    O N N 44  
ASN CB   C N N 45  
ASN CG   C N N 46  
ASN OD1  O N N 47  
ASN ND2  N N N 48  
ASN OXT  O N N 49  
ASN H    H N N 50  
ASN H2   H N N 51  
ASN HA   H N N 52  
ASN HB2  H N N 53  
ASN HB3  H N N 54  
ASN HD21 H N N 55  
ASN HD22 H N N 56  
ASN HXT  H N N 57  
ASP N    N N N 58  
ASP CA   C N S 59  
ASP C    C N N 60  
ASP O    O N N 61  
ASP CB   C N N 62  
ASP CG   C N N 63  
ASP OD1  O N N 64  
ASP OD2  O N N 65  
ASP OXT  O N N 66  
ASP H    H N N 67  
ASP H2   H N N 68  
ASP HA   H N N 69  
ASP HB2  H N N 70  
ASP HB3  H N N 71  
ASP HD2  H N N 72  
ASP HXT  H N N 73  
CYS N    N N N 74  
CYS CA   C N R 75  
CYS C    C N N 76  
CYS O    O N N 77  
CYS CB   C N N 78  
CYS SG   S N N 79  
CYS OXT  O N N 80  
CYS H    H N N 81  
CYS H2   H N N 82  
CYS HA   H N N 83  
CYS HB2  H N N 84  
CYS HB3  H N N 85  
CYS HG   H N N 86  
CYS HXT  H N N 87  
GLN N    N N N 88  
GLN CA   C N S 89  
GLN C    C N N 90  
GLN O    O N N 91  
GLN CB   C N N 92  
GLN CG   C N N 93  
GLN CD   C N N 94  
GLN OE1  O N N 95  
GLN NE2  N N N 96  
GLN OXT  O N N 97  
GLN H    H N N 98  
GLN H2   H N N 99  
GLN HA   H N N 100 
GLN HB2  H N N 101 
GLN HB3  H N N 102 
GLN HG2  H N N 103 
GLN HG3  H N N 104 
GLN HE21 H N N 105 
GLN HE22 H N N 106 
GLN HXT  H N N 107 
GLU N    N N N 108 
GLU CA   C N S 109 
GLU C    C N N 110 
GLU O    O N N 111 
GLU CB   C N N 112 
GLU CG   C N N 113 
GLU CD   C N N 114 
GLU OE1  O N N 115 
GLU OE2  O N N 116 
GLU OXT  O N N 117 
GLU H    H N N 118 
GLU H2   H N N 119 
GLU HA   H N N 120 
GLU HB2  H N N 121 
GLU HB3  H N N 122 
GLU HG2  H N N 123 
GLU HG3  H N N 124 
GLU HE2  H N N 125 
GLU HXT  H N N 126 
GLY N    N N N 127 
GLY CA   C N N 128 
GLY C    C N N 129 
GLY O    O N N 130 
GLY OXT  O N N 131 
GLY H    H N N 132 
GLY H2   H N N 133 
GLY HA2  H N N 134 
GLY HA3  H N N 135 
GLY HXT  H N N 136 
HIS N    N N N 137 
HIS CA   C N S 138 
HIS C    C N N 139 
HIS O    O N N 140 
HIS CB   C N N 141 
HIS CG   C Y N 142 
HIS ND1  N Y N 143 
HIS CD2  C Y N 144 
HIS CE1  C Y N 145 
HIS NE2  N Y N 146 
HIS OXT  O N N 147 
HIS H    H N N 148 
HIS H2   H N N 149 
HIS HA   H N N 150 
HIS HB2  H N N 151 
HIS HB3  H N N 152 
HIS HD1  H N N 153 
HIS HD2  H N N 154 
HIS HE1  H N N 155 
HIS HE2  H N N 156 
HIS HXT  H N N 157 
ILE N    N N N 158 
ILE CA   C N S 159 
ILE C    C N N 160 
ILE O    O N N 161 
ILE CB   C N S 162 
ILE CG1  C N N 163 
ILE CG2  C N N 164 
ILE CD1  C N N 165 
ILE OXT  O N N 166 
ILE H    H N N 167 
ILE H2   H N N 168 
ILE HA   H N N 169 
ILE HB   H N N 170 
ILE HG12 H N N 171 
ILE HG13 H N N 172 
ILE HG21 H N N 173 
ILE HG22 H N N 174 
ILE HG23 H N N 175 
ILE HD11 H N N 176 
ILE HD12 H N N 177 
ILE HD13 H N N 178 
ILE HXT  H N N 179 
LEU N    N N N 180 
LEU CA   C N S 181 
LEU C    C N N 182 
LEU O    O N N 183 
LEU CB   C N N 184 
LEU CG   C N N 185 
LEU CD1  C N N 186 
LEU CD2  C N N 187 
LEU OXT  O N N 188 
LEU H    H N N 189 
LEU H2   H N N 190 
LEU HA   H N N 191 
LEU HB2  H N N 192 
LEU HB3  H N N 193 
LEU HG   H N N 194 
LEU HD11 H N N 195 
LEU HD12 H N N 196 
LEU HD13 H N N 197 
LEU HD21 H N N 198 
LEU HD22 H N N 199 
LEU HD23 H N N 200 
LEU HXT  H N N 201 
LYS N    N N N 202 
LYS CA   C N S 203 
LYS C    C N N 204 
LYS O    O N N 205 
LYS CB   C N N 206 
LYS CG   C N N 207 
LYS CD   C N N 208 
LYS CE   C N N 209 
LYS NZ   N N N 210 
LYS OXT  O N N 211 
LYS H    H N N 212 
LYS H2   H N N 213 
LYS HA   H N N 214 
LYS HB2  H N N 215 
LYS HB3  H N N 216 
LYS HG2  H N N 217 
LYS HG3  H N N 218 
LYS HD2  H N N 219 
LYS HD3  H N N 220 
LYS HE2  H N N 221 
LYS HE3  H N N 222 
LYS HZ1  H N N 223 
LYS HZ2  H N N 224 
LYS HZ3  H N N 225 
LYS HXT  H N N 226 
MET N    N N N 227 
MET CA   C N S 228 
MET C    C N N 229 
MET O    O N N 230 
MET CB   C N N 231 
MET CG   C N N 232 
MET SD   S N N 233 
MET CE   C N N 234 
MET OXT  O N N 235 
MET H    H N N 236 
MET H2   H N N 237 
MET HA   H N N 238 
MET HB2  H N N 239 
MET HB3  H N N 240 
MET HG2  H N N 241 
MET HG3  H N N 242 
MET HE1  H N N 243 
MET HE2  H N N 244 
MET HE3  H N N 245 
MET HXT  H N N 246 
PHE N    N N N 247 
PHE CA   C N S 248 
PHE C    C N N 249 
PHE O    O N N 250 
PHE CB   C N N 251 
PHE CG   C Y N 252 
PHE CD1  C Y N 253 
PHE CD2  C Y N 254 
PHE CE1  C Y N 255 
PHE CE2  C Y N 256 
PHE CZ   C Y N 257 
PHE OXT  O N N 258 
PHE H    H N N 259 
PHE H2   H N N 260 
PHE HA   H N N 261 
PHE HB2  H N N 262 
PHE HB3  H N N 263 
PHE HD1  H N N 264 
PHE HD2  H N N 265 
PHE HE1  H N N 266 
PHE HE2  H N N 267 
PHE HZ   H N N 268 
PHE HXT  H N N 269 
PRO N    N N N 270 
PRO CA   C N S 271 
PRO C    C N N 272 
PRO O    O N N 273 
PRO CB   C N N 274 
PRO CG   C N N 275 
PRO CD   C N N 276 
PRO OXT  O N N 277 
PRO H    H N N 278 
PRO HA   H N N 279 
PRO HB2  H N N 280 
PRO HB3  H N N 281 
PRO HG2  H N N 282 
PRO HG3  H N N 283 
PRO HD2  H N N 284 
PRO HD3  H N N 285 
PRO HXT  H N N 286 
SER N    N N N 287 
SER CA   C N S 288 
SER C    C N N 289 
SER O    O N N 290 
SER CB   C N N 291 
SER OG   O N N 292 
SER OXT  O N N 293 
SER H    H N N 294 
SER H2   H N N 295 
SER HA   H N N 296 
SER HB2  H N N 297 
SER HB3  H N N 298 
SER HG   H N N 299 
SER HXT  H N N 300 
THR N    N N N 301 
THR CA   C N S 302 
THR C    C N N 303 
THR O    O N N 304 
THR CB   C N R 305 
THR OG1  O N N 306 
THR CG2  C N N 307 
THR OXT  O N N 308 
THR H    H N N 309 
THR H2   H N N 310 
THR HA   H N N 311 
THR HB   H N N 312 
THR HG1  H N N 313 
THR HG21 H N N 314 
THR HG22 H N N 315 
THR HG23 H N N 316 
THR HXT  H N N 317 
TRP N    N N N 318 
TRP CA   C N S 319 
TRP C    C N N 320 
TRP O    O N N 321 
TRP CB   C N N 322 
TRP CG   C Y N 323 
TRP CD1  C Y N 324 
TRP CD2  C Y N 325 
TRP NE1  N Y N 326 
TRP CE2  C Y N 327 
TRP CE3  C Y N 328 
TRP CZ2  C Y N 329 
TRP CZ3  C Y N 330 
TRP CH2  C Y N 331 
TRP OXT  O N N 332 
TRP H    H N N 333 
TRP H2   H N N 334 
TRP HA   H N N 335 
TRP HB2  H N N 336 
TRP HB3  H N N 337 
TRP HD1  H N N 338 
TRP HE1  H N N 339 
TRP HE3  H N N 340 
TRP HZ2  H N N 341 
TRP HZ3  H N N 342 
TRP HH2  H N N 343 
TRP HXT  H N N 344 
TYR N    N N N 345 
TYR CA   C N S 346 
TYR C    C N N 347 
TYR O    O N N 348 
TYR CB   C N N 349 
TYR CG   C Y N 350 
TYR CD1  C Y N 351 
TYR CD2  C Y N 352 
TYR CE1  C Y N 353 
TYR CE2  C Y N 354 
TYR CZ   C Y N 355 
TYR OH   O N N 356 
TYR OXT  O N N 357 
TYR H    H N N 358 
TYR H2   H N N 359 
TYR HA   H N N 360 
TYR HB2  H N N 361 
TYR HB3  H N N 362 
TYR HD1  H N N 363 
TYR HD2  H N N 364 
TYR HE1  H N N 365 
TYR HE2  H N N 366 
TYR HH   H N N 367 
TYR HXT  H N N 368 
VAL N    N N N 369 
VAL CA   C N S 370 
VAL C    C N N 371 
VAL O    O N N 372 
VAL CB   C N N 373 
VAL CG1  C N N 374 
VAL CG2  C N N 375 
VAL OXT  O N N 376 
VAL H    H N N 377 
VAL H2   H N N 378 
VAL HA   H N N 379 
VAL HB   H N N 380 
VAL HG11 H N N 381 
VAL HG12 H N N 382 
VAL HG13 H N N 383 
VAL HG21 H N N 384 
VAL HG22 H N N 385 
VAL HG23 H N N 386 
VAL HXT  H N N 387 
# 
loop_
_chem_comp_bond.comp_id 
_chem_comp_bond.atom_id_1 
_chem_comp_bond.atom_id_2 
_chem_comp_bond.value_order 
_chem_comp_bond.pdbx_aromatic_flag 
_chem_comp_bond.pdbx_stereo_config 
_chem_comp_bond.pdbx_ordinal 
ALA N   CA   sing N N 1   
ALA N   H    sing N N 2   
ALA N   H2   sing N N 3   
ALA CA  C    sing N N 4   
ALA CA  CB   sing N N 5   
ALA CA  HA   sing N N 6   
ALA C   O    doub N N 7   
ALA C   OXT  sing N N 8   
ALA CB  HB1  sing N N 9   
ALA CB  HB2  sing N N 10  
ALA CB  HB3  sing N N 11  
ALA OXT HXT  sing N N 12  
ARG N   CA   sing N N 13  
ARG N   H    sing N N 14  
ARG N   H2   sing N N 15  
ARG CA  C    sing N N 16  
ARG CA  CB   sing N N 17  
ARG CA  HA   sing N N 18  
ARG C   O    doub N N 19  
ARG C   OXT  sing N N 20  
ARG CB  CG   sing N N 21  
ARG CB  HB2  sing N N 22  
ARG CB  HB3  sing N N 23  
ARG CG  CD   sing N N 24  
ARG CG  HG2  sing N N 25  
ARG CG  HG3  sing N N 26  
ARG CD  NE   sing N N 27  
ARG CD  HD2  sing N N 28  
ARG CD  HD3  sing N N 29  
ARG NE  CZ   sing N N 30  
ARG NE  HE   sing N N 31  
ARG CZ  NH1  sing N N 32  
ARG CZ  NH2  doub N N 33  
ARG NH1 HH11 sing N N 34  
ARG NH1 HH12 sing N N 35  
ARG NH2 HH21 sing N N 36  
ARG NH2 HH22 sing N N 37  
ARG OXT HXT  sing N N 38  
ASN N   CA   sing N N 39  
ASN N   H    sing N N 40  
ASN N   H2   sing N N 41  
ASN CA  C    sing N N 42  
ASN CA  CB   sing N N 43  
ASN CA  HA   sing N N 44  
ASN C   O    doub N N 45  
ASN C   OXT  sing N N 46  
ASN CB  CG   sing N N 47  
ASN CB  HB2  sing N N 48  
ASN CB  HB3  sing N N 49  
ASN CG  OD1  doub N N 50  
ASN CG  ND2  sing N N 51  
ASN ND2 HD21 sing N N 52  
ASN ND2 HD22 sing N N 53  
ASN OXT HXT  sing N N 54  
ASP N   CA   sing N N 55  
ASP N   H    sing N N 56  
ASP N   H2   sing N N 57  
ASP CA  C    sing N N 58  
ASP CA  CB   sing N N 59  
ASP CA  HA   sing N N 60  
ASP C   O    doub N N 61  
ASP C   OXT  sing N N 62  
ASP CB  CG   sing N N 63  
ASP CB  HB2  sing N N 64  
ASP CB  HB3  sing N N 65  
ASP CG  OD1  doub N N 66  
ASP CG  OD2  sing N N 67  
ASP OD2 HD2  sing N N 68  
ASP OXT HXT  sing N N 69  
CYS N   CA   sing N N 70  
CYS N   H    sing N N 71  
CYS N   H2   sing N N 72  
CYS CA  C    sing N N 73  
CYS CA  CB   sing N N 74  
CYS CA  HA   sing N N 75  
CYS C   O    doub N N 76  
CYS C   OXT  sing N N 77  
CYS CB  SG   sing N N 78  
CYS CB  HB2  sing N N 79  
CYS CB  HB3  sing N N 80  
CYS SG  HG   sing N N 81  
CYS OXT HXT  sing N N 82  
GLN N   CA   sing N N 83  
GLN N   H    sing N N 84  
GLN N   H2   sing N N 85  
GLN CA  C    sing N N 86  
GLN CA  CB   sing N N 87  
GLN CA  HA   sing N N 88  
GLN C   O    doub N N 89  
GLN C   OXT  sing N N 90  
GLN CB  CG   sing N N 91  
GLN CB  HB2  sing N N 92  
GLN CB  HB3  sing N N 93  
GLN CG  CD   sing N N 94  
GLN CG  HG2  sing N N 95  
GLN CG  HG3  sing N N 96  
GLN CD  OE1  doub N N 97  
GLN CD  NE2  sing N N 98  
GLN NE2 HE21 sing N N 99  
GLN NE2 HE22 sing N N 100 
GLN OXT HXT  sing N N 101 
GLU N   CA   sing N N 102 
GLU N   H    sing N N 103 
GLU N   H2   sing N N 104 
GLU CA  C    sing N N 105 
GLU CA  CB   sing N N 106 
GLU CA  HA   sing N N 107 
GLU C   O    doub N N 108 
GLU C   OXT  sing N N 109 
GLU CB  CG   sing N N 110 
GLU CB  HB2  sing N N 111 
GLU CB  HB3  sing N N 112 
GLU CG  CD   sing N N 113 
GLU CG  HG2  sing N N 114 
GLU CG  HG3  sing N N 115 
GLU CD  OE1  doub N N 116 
GLU CD  OE2  sing N N 117 
GLU OE2 HE2  sing N N 118 
GLU OXT HXT  sing N N 119 
GLY N   CA   sing N N 120 
GLY N   H    sing N N 121 
GLY N   H2   sing N N 122 
GLY CA  C    sing N N 123 
GLY CA  HA2  sing N N 124 
GLY CA  HA3  sing N N 125 
GLY C   O    doub N N 126 
GLY C   OXT  sing N N 127 
GLY OXT HXT  sing N N 128 
HIS N   CA   sing N N 129 
HIS N   H    sing N N 130 
HIS N   H2   sing N N 131 
HIS CA  C    sing N N 132 
HIS CA  CB   sing N N 133 
HIS CA  HA   sing N N 134 
HIS C   O    doub N N 135 
HIS C   OXT  sing N N 136 
HIS CB  CG   sing N N 137 
HIS CB  HB2  sing N N 138 
HIS CB  HB3  sing N N 139 
HIS CG  ND1  sing Y N 140 
HIS CG  CD2  doub Y N 141 
HIS ND1 CE1  doub Y N 142 
HIS ND1 HD1  sing N N 143 
HIS CD2 NE2  sing Y N 144 
HIS CD2 HD2  sing N N 145 
HIS CE1 NE2  sing Y N 146 
HIS CE1 HE1  sing N N 147 
HIS NE2 HE2  sing N N 148 
HIS OXT HXT  sing N N 149 
ILE N   CA   sing N N 150 
ILE N   H    sing N N 151 
ILE N   H2   sing N N 152 
ILE CA  C    sing N N 153 
ILE CA  CB   sing N N 154 
ILE CA  HA   sing N N 155 
ILE C   O    doub N N 156 
ILE C   OXT  sing N N 157 
ILE CB  CG1  sing N N 158 
ILE CB  CG2  sing N N 159 
ILE CB  HB   sing N N 160 
ILE CG1 CD1  sing N N 161 
ILE CG1 HG12 sing N N 162 
ILE CG1 HG13 sing N N 163 
ILE CG2 HG21 sing N N 164 
ILE CG2 HG22 sing N N 165 
ILE CG2 HG23 sing N N 166 
ILE CD1 HD11 sing N N 167 
ILE CD1 HD12 sing N N 168 
ILE CD1 HD13 sing N N 169 
ILE OXT HXT  sing N N 170 
LEU N   CA   sing N N 171 
LEU N   H    sing N N 172 
LEU N   H2   sing N N 173 
LEU CA  C    sing N N 174 
LEU CA  CB   sing N N 175 
LEU CA  HA   sing N N 176 
LEU C   O    doub N N 177 
LEU C   OXT  sing N N 178 
LEU CB  CG   sing N N 179 
LEU CB  HB2  sing N N 180 
LEU CB  HB3  sing N N 181 
LEU CG  CD1  sing N N 182 
LEU CG  CD2  sing N N 183 
LEU CG  HG   sing N N 184 
LEU CD1 HD11 sing N N 185 
LEU CD1 HD12 sing N N 186 
LEU CD1 HD13 sing N N 187 
LEU CD2 HD21 sing N N 188 
LEU CD2 HD22 sing N N 189 
LEU CD2 HD23 sing N N 190 
LEU OXT HXT  sing N N 191 
LYS N   CA   sing N N 192 
LYS N   H    sing N N 193 
LYS N   H2   sing N N 194 
LYS CA  C    sing N N 195 
LYS CA  CB   sing N N 196 
LYS CA  HA   sing N N 197 
LYS C   O    doub N N 198 
LYS C   OXT  sing N N 199 
LYS CB  CG   sing N N 200 
LYS CB  HB2  sing N N 201 
LYS CB  HB3  sing N N 202 
LYS CG  CD   sing N N 203 
LYS CG  HG2  sing N N 204 
LYS CG  HG3  sing N N 205 
LYS CD  CE   sing N N 206 
LYS CD  HD2  sing N N 207 
LYS CD  HD3  sing N N 208 
LYS CE  NZ   sing N N 209 
LYS CE  HE2  sing N N 210 
LYS CE  HE3  sing N N 211 
LYS NZ  HZ1  sing N N 212 
LYS NZ  HZ2  sing N N 213 
LYS NZ  HZ3  sing N N 214 
LYS OXT HXT  sing N N 215 
MET N   CA   sing N N 216 
MET N   H    sing N N 217 
MET N   H2   sing N N 218 
MET CA  C    sing N N 219 
MET CA  CB   sing N N 220 
MET CA  HA   sing N N 221 
MET C   O    doub N N 222 
MET C   OXT  sing N N 223 
MET CB  CG   sing N N 224 
MET CB  HB2  sing N N 225 
MET CB  HB3  sing N N 226 
MET CG  SD   sing N N 227 
MET CG  HG2  sing N N 228 
MET CG  HG3  sing N N 229 
MET SD  CE   sing N N 230 
MET CE  HE1  sing N N 231 
MET CE  HE2  sing N N 232 
MET CE  HE3  sing N N 233 
MET OXT HXT  sing N N 234 
PHE N   CA   sing N N 235 
PHE N   H    sing N N 236 
PHE N   H2   sing N N 237 
PHE CA  C    sing N N 238 
PHE CA  CB   sing N N 239 
PHE CA  HA   sing N N 240 
PHE C   O    doub N N 241 
PHE C   OXT  sing N N 242 
PHE CB  CG   sing N N 243 
PHE CB  HB2  sing N N 244 
PHE CB  HB3  sing N N 245 
PHE CG  CD1  doub Y N 246 
PHE CG  CD2  sing Y N 247 
PHE CD1 CE1  sing Y N 248 
PHE CD1 HD1  sing N N 249 
PHE CD2 CE2  doub Y N 250 
PHE CD2 HD2  sing N N 251 
PHE CE1 CZ   doub Y N 252 
PHE CE1 HE1  sing N N 253 
PHE CE2 CZ   sing Y N 254 
PHE CE2 HE2  sing N N 255 
PHE CZ  HZ   sing N N 256 
PHE OXT HXT  sing N N 257 
PRO N   CA   sing N N 258 
PRO N   CD   sing N N 259 
PRO N   H    sing N N 260 
PRO CA  C    sing N N 261 
PRO CA  CB   sing N N 262 
PRO CA  HA   sing N N 263 
PRO C   O    doub N N 264 
PRO C   OXT  sing N N 265 
PRO CB  CG   sing N N 266 
PRO CB  HB2  sing N N 267 
PRO CB  HB3  sing N N 268 
PRO CG  CD   sing N N 269 
PRO CG  HG2  sing N N 270 
PRO CG  HG3  sing N N 271 
PRO CD  HD2  sing N N 272 
PRO CD  HD3  sing N N 273 
PRO OXT HXT  sing N N 274 
SER N   CA   sing N N 275 
SER N   H    sing N N 276 
SER N   H2   sing N N 277 
SER CA  C    sing N N 278 
SER CA  CB   sing N N 279 
SER CA  HA   sing N N 280 
SER C   O    doub N N 281 
SER C   OXT  sing N N 282 
SER CB  OG   sing N N 283 
SER CB  HB2  sing N N 284 
SER CB  HB3  sing N N 285 
SER OG  HG   sing N N 286 
SER OXT HXT  sing N N 287 
THR N   CA   sing N N 288 
THR N   H    sing N N 289 
THR N   H2   sing N N 290 
THR CA  C    sing N N 291 
THR CA  CB   sing N N 292 
THR CA  HA   sing N N 293 
THR C   O    doub N N 294 
THR C   OXT  sing N N 295 
THR CB  OG1  sing N N 296 
THR CB  CG2  sing N N 297 
THR CB  HB   sing N N 298 
THR OG1 HG1  sing N N 299 
THR CG2 HG21 sing N N 300 
THR CG2 HG22 sing N N 301 
THR CG2 HG23 sing N N 302 
THR OXT HXT  sing N N 303 
TRP N   CA   sing N N 304 
TRP N   H    sing N N 305 
TRP N   H2   sing N N 306 
TRP CA  C    sing N N 307 
TRP CA  CB   sing N N 308 
TRP CA  HA   sing N N 309 
TRP C   O    doub N N 310 
TRP C   OXT  sing N N 311 
TRP CB  CG   sing N N 312 
TRP CB  HB2  sing N N 313 
TRP CB  HB3  sing N N 314 
TRP CG  CD1  doub Y N 315 
TRP CG  CD2  sing Y N 316 
TRP CD1 NE1  sing Y N 317 
TRP CD1 HD1  sing N N 318 
TRP CD2 CE2  doub Y N 319 
TRP CD2 CE3  sing Y N 320 
TRP NE1 CE2  sing Y N 321 
TRP NE1 HE1  sing N N 322 
TRP CE2 CZ2  sing Y N 323 
TRP CE3 CZ3  doub Y N 324 
TRP CE3 HE3  sing N N 325 
TRP CZ2 CH2  doub Y N 326 
TRP CZ2 HZ2  sing N N 327 
TRP CZ3 CH2  sing Y N 328 
TRP CZ3 HZ3  sing N N 329 
TRP CH2 HH2  sing N N 330 
TRP OXT HXT  sing N N 331 
TYR N   CA   sing N N 332 
TYR N   H    sing N N 333 
TYR N   H2   sing N N 334 
TYR CA  C    sing N N 335 
TYR CA  CB   sing N N 336 
TYR CA  HA   sing N N 337 
TYR C   O    doub N N 338 
TYR C   OXT  sing N N 339 
TYR CB  CG   sing N N 340 
TYR CB  HB2  sing N N 341 
TYR CB  HB3  sing N N 342 
TYR CG  CD1  doub Y N 343 
TYR CG  CD2  sing Y N 344 
TYR CD1 CE1  sing Y N 345 
TYR CD1 HD1  sing N N 346 
TYR CD2 CE2  doub Y N 347 
TYR CD2 HD2  sing N N 348 
TYR CE1 CZ   doub Y N 349 
TYR CE1 HE1  sing N N 350 
TYR CE2 CZ   sing Y N 351 
TYR CE2 HE2  sing N N 352 
TYR CZ  OH   sing N N 353 
TYR OH  HH   sing N N 354 
TYR OXT HXT  sing N N 355 
VAL N   CA   sing N N 356 
VAL N   H    sing N N 357 
VAL N   H2   sing N N 358 
VAL CA  C    sing N N 359 
VAL CA  CB   sing N N 360 
VAL CA  HA   sing N N 361 
VAL C   O    doub N N 362 
VAL C   OXT  sing N N 363 
VAL CB  CG1  sing N N 364 
VAL CB  CG2  sing N N 365 
VAL CB  HB   sing N N 366 
VAL CG1 HG11 sing N N 367 
VAL CG1 HG12 sing N N 368 
VAL CG1 HG13 sing N N 369 
VAL CG2 HG21 sing N N 370 
VAL CG2 HG22 sing N N 371 
VAL CG2 HG23 sing N N 372 
VAL OXT HXT  sing N N 373 
# 
_pdbx_coordinate_model.asym_id   A 
_pdbx_coordinate_model.type      'CA ATOMS ONLY' 
# 
_atom_sites.entry_id                    1PCL 
_atom_sites.fract_transf_matrix[1][1]   -0.02287362 
_atom_sites.fract_transf_matrix[1][2]   0.01178848 
_atom_sites.fract_transf_matrix[1][3]   -0.00156130 
_atom_sites.fract_transf_matrix[2][1]   0.00492400 
_atom_sites.fract_transf_matrix[2][2]   0.00905658 
_atom_sites.fract_transf_matrix[2][3]   -0.00375730 
_atom_sites.fract_transf_matrix[3][1]   -0.00103509 
_atom_sites.fract_transf_matrix[3][2]   -0.00321418 
_atom_sites.fract_transf_matrix[3][3]   -0.00910394 
_atom_sites.fract_transf_vector[1]      0.125636 
_atom_sites.fract_transf_vector[2]      0.412975 
_atom_sites.fract_transf_vector[3]      0.286215 
# 
_atom_type.symbol   C 
# 
loop_
_atom_site.group_PDB 
_atom_site.id 
_atom_site.type_symbol 
_atom_site.label_atom_id 
_atom_site.label_alt_id 
_atom_site.label_comp_id 
_atom_site.label_asym_id 
_atom_site.label_entity_id 
_atom_site.label_seq_id 
_atom_site.pdbx_PDB_ins_code 
_atom_site.Cartn_x 
_atom_site.Cartn_y 
_atom_site.Cartn_z 
_atom_site.occupancy 
_atom_site.B_iso_or_equiv 
_atom_site.pdbx_formal_charge 
_atom_site.auth_seq_id 
_atom_site.auth_comp_id 
_atom_site.auth_asym_id 
_atom_site.auth_atom_id 
_atom_site.pdbx_PDB_model_num 
ATOM 1   C CA . ALA A 1 1   ? 22.314  1.264   12.598  1.00 31.00 ? 1   ALA A CA 1 
ATOM 2   C CA . VAL A 1 2   ? 19.542  0.374   10.131  1.00 26.54 ? 2   VAL A CA 1 
ATOM 3   C CA . GLU A 1 3   ? 16.937  1.166   12.799  1.00 23.49 ? 3   GLU A CA 1 
ATOM 4   C CA . THR A 1 4   ? 18.340  4.702   12.768  1.00 16.61 ? 4   THR A CA 1 
ATOM 5   C CA . ASP A 1 5   ? 18.221  5.060   9.007   1.00 16.33 ? 5   ASP A CA 1 
ATOM 6   C CA . ALA A 1 6   ? 15.944  7.726   7.525   1.00 12.66 ? 6   ALA A CA 1 
ATOM 7   C CA . ALA A 1 7   ? 14.155  7.819   4.163   1.00 6.57  ? 7   ALA A CA 1 
ATOM 8   C CA . THR A 1 8   ? 16.615  8.737   1.408   1.00 8.34  ? 8   THR A CA 1 
ATOM 9   C CA . THR A 1 9   ? 14.291  8.369   -1.618  1.00 4.32  ? 9   THR A CA 1 
ATOM 10  C CA . GLY A 1 10  ? 10.935  9.798   -2.718  1.00 5.29  ? 10  GLY A CA 1 
ATOM 11  C CA . TRP A 1 11  ? 8.520   12.328  -1.240  1.00 4.22  ? 11  TRP A CA 1 
ATOM 12  C CA . ALA A 1 12  ? 9.256   11.070  2.285   1.00 2.01  ? 12  ALA A CA 1 
ATOM 13  C CA . THR A 1 13  ? 12.574  12.975  1.979   1.00 7.35  ? 13  THR A CA 1 
ATOM 14  C CA . GLN A 1 14  ? 10.749  16.296  1.523   1.00 7.17  ? 14  GLN A CA 1 
ATOM 15  C CA . ASN A 1 15  ? 9.117   18.560  4.134   1.00 12.44 ? 15  ASN A CA 1 
ATOM 16  C CA . GLY A 1 16  ? 12.238  18.077  6.228   1.00 14.14 ? 16  GLY A CA 1 
ATOM 17  C CA . GLY A 1 17  ? 12.554  14.318  5.666   1.00 10.06 ? 17  GLY A CA 1 
ATOM 18  C CA . THR A 1 18  ? 11.309  11.188  7.444   1.00 6.91  ? 18  THR A CA 1 
ATOM 19  C CA . THR A 1 19  ? 13.484  9.964   10.305  1.00 6.52  ? 19  THR A CA 1 
ATOM 20  C CA . GLY A 1 20  ? 10.917  8.166   12.480  1.00 8.63  ? 20  GLY A CA 1 
ATOM 21  C CA . GLY A 1 21  ? 12.140  7.703   16.045  1.00 9.02  ? 21  GLY A CA 1 
ATOM 22  C CA . ALA A 1 22  ? 15.822  7.762   15.060  1.00 11.82 ? 22  ALA A CA 1 
ATOM 23  C CA . LYS A 1 23  ? 16.806  10.136  17.879  1.00 15.28 ? 23  LYS A CA 1 
ATOM 24  C CA . ALA A 1 24  ? 15.531  7.711   20.511  1.00 12.11 ? 24  ALA A CA 1 
ATOM 25  C CA . ALA A 1 25  ? 17.824  6.935   23.446  1.00 21.24 ? 25  ALA A CA 1 
ATOM 26  C CA . LYS A 1 26  ? 17.195  3.191   23.150  1.00 25.62 ? 26  LYS A CA 1 
ATOM 27  C CA . ALA A 1 27  ? 15.133  0.720   21.064  1.00 19.80 ? 27  ALA A CA 1 
ATOM 28  C CA . VAL A 1 28  ? 12.575  -1.599  22.709  1.00 14.94 ? 28  VAL A CA 1 
ATOM 29  C CA . GLU A 1 29  ? 11.972  -5.197  21.566  1.00 14.43 ? 29  GLU A CA 1 
ATOM 30  C CA . VAL A 1 30  ? 8.447   -6.595  21.571  1.00 12.42 ? 30  VAL A CA 1 
ATOM 31  C CA . LYS A 1 31  ? 7.111   -10.138 21.068  1.00 14.37 ? 31  LYS A CA 1 
ATOM 32  C CA . ASN A 1 32  ? 3.432   -9.694  21.871  1.00 10.21 ? 32  ASN A CA 1 
ATOM 33  C CA . ILE A 1 33  ? 0.573   -7.200  21.661  1.00 13.77 ? 33  ILE A CA 1 
ATOM 34  C CA . SER A 1 34  ? 0.822   -6.085  25.313  1.00 18.57 ? 34  SER A CA 1 
ATOM 35  C CA . ASP A 1 35  ? 4.482   -5.139  25.018  1.00 15.89 ? 35  ASP A CA 1 
ATOM 36  C CA . PHE A 1 36  ? 3.779   -3.503  21.664  1.00 11.77 ? 36  PHE A CA 1 
ATOM 37  C CA . LYS A 1 37  ? 1.079   -1.134  22.924  1.00 15.12 ? 37  LYS A CA 1 
ATOM 38  C CA . LYS A 1 38  ? 3.143   -0.293  26.034  1.00 15.67 ? 38  LYS A CA 1 
ATOM 39  C CA . ALA A 1 39  ? 6.174   0.538   23.887  1.00 11.16 ? 39  ALA A CA 1 
ATOM 40  C CA . LEU A 1 40  ? 4.040   2.859   21.740  1.00 11.07 ? 40  LEU A CA 1 
ATOM 41  C CA . ASN A 1 41  ? 2.988   4.667   24.930  1.00 9.55  ? 41  ASN A CA 1 
ATOM 42  C CA . GLY A 1 42  ? -0.312  5.797   23.451  1.00 7.71  ? 42  GLY A CA 1 
ATOM 43  C CA . THR A 1 43  ? 0.045   9.207   21.820  1.00 6.72  ? 43  THR A CA 1 
ATOM 44  C CA . ASP A 1 44  ? 3.599   9.903   22.982  1.00 5.52  ? 44  ASP A CA 1 
ATOM 45  C CA . SER A 1 45  ? 5.251   12.122  20.334  1.00 2.87  ? 45  SER A CA 1 
ATOM 46  C CA . SER A 1 46  ? 8.681   11.386  21.794  1.00 6.37  ? 46  SER A CA 1 
ATOM 47  C CA . ALA A 1 47  ? 11.131  9.596   19.473  1.00 9.99  ? 47  ALA A CA 1 
ATOM 48  C CA . LYS A 1 48  ? 10.687  5.826   19.774  1.00 8.83  ? 48  LYS A CA 1 
ATOM 49  C CA . ILE A 1 49  ? 12.224  2.749   18.107  1.00 9.28  ? 49  ILE A CA 1 
ATOM 50  C CA . ILE A 1 50  ? 10.307  -0.529  18.438  1.00 12.40 ? 50  ILE A CA 1 
ATOM 51  C CA . LYS A 1 51  ? 11.951  -3.725  17.240  1.00 15.27 ? 51  LYS A CA 1 
ATOM 52  C CA . VAL A 1 52  ? 9.499   -6.560  16.585  1.00 13.25 ? 52  VAL A CA 1 
ATOM 53  C CA . THR A 1 53  ? 11.410  -9.734  17.466  1.00 12.86 ? 53  THR A CA 1 
ATOM 54  C CA . GLY A 1 54  ? 8.402   -12.063 17.357  1.00 13.28 ? 54  GLY A CA 1 
ATOM 55  C CA . PRO A 1 55  ? 5.028   -12.422 15.543  1.00 15.23 ? 55  PRO A CA 1 
ATOM 56  C CA . ILE A 1 56  ? 2.406   -10.181 17.123  1.00 12.60 ? 56  ILE A CA 1 
ATOM 57  C CA . ASP A 1 57  ? -1.138  -11.528 17.188  1.00 7.93  ? 57  ASP A CA 1 
ATOM 58  C CA . ILE A 1 58  ? -3.075  -8.291  17.710  1.00 5.12  ? 58  ILE A CA 1 
ATOM 59  C CA . SER A 1 59  ? -6.130  -10.178 19.041  1.00 9.88  ? 59  SER A CA 1 
ATOM 60  C CA . GLY A 1 60  ? -3.954  -11.546 21.831  1.00 11.37 ? 60  GLY A CA 1 
ATOM 61  C CA . GLY A 1 61  ? -5.326  -15.041 21.237  1.00 12.94 ? 61  GLY A CA 1 
ATOM 62  C CA . LYS A 1 62  ? -8.918  -13.896 21.719  1.00 13.64 ? 62  LYS A CA 1 
ATOM 63  C CA . ALA A 1 63  ? -10.977 -13.936 18.514  1.00 11.09 ? 63  ALA A CA 1 
ATOM 64  C CA . TYR A 1 64  ? -13.306 -10.962 18.001  1.00 14.86 ? 64  TYR A CA 1 
ATOM 65  C CA . THR A 1 65  ? -16.899 -11.570 19.031  1.00 23.70 ? 65  THR A CA 1 
ATOM 66  C CA . SER A 1 66  ? -18.536 -8.524  17.394  1.00 18.90 ? 66  SER A CA 1 
ATOM 67  C CA . PHE A 1 67  ? -17.911 -5.348  15.367  1.00 18.27 ? 67  PHE A CA 1 
ATOM 68  C CA . ASP A 1 68  ? -17.540 -3.178  18.461  1.00 20.66 ? 68  ASP A CA 1 
ATOM 69  C CA . ASP A 1 69  ? -15.140 -5.728  19.967  1.00 13.31 ? 69  ASP A CA 1 
ATOM 70  C CA . GLN A 1 70  ? -13.016 -5.805  16.841  1.00 11.89 ? 70  GLN A CA 1 
ATOM 71  C CA . LYS A 1 71  ? -13.211 -2.017  16.500  1.00 14.98 ? 71  LYS A CA 1 
ATOM 72  C CA . ALA A 1 72  ? -12.068 -1.541  20.079  1.00 13.93 ? 72  ALA A CA 1 
ATOM 73  C CA . ARG A 1 73  ? -9.288  -4.120  20.050  1.00 13.13 ? 73  ARG A CA 1 
ATOM 74  C CA . SER A 1 74  ? -7.756  -4.440  16.574  1.00 8.40  ? 74  SER A CA 1 
ATOM 75  C CA . GLN A 1 75  ? -7.054  -0.839  15.635  1.00 5.60  ? 75  GLN A CA 1 
ATOM 76  C CA . ILE A 1 76  ? -3.512  0.005   16.779  1.00 7.46  ? 76  ILE A CA 1 
ATOM 77  C CA . SER A 1 77  ? -2.709  3.739   16.592  1.00 9.20  ? 77  SER A CA 1 
ATOM 78  C CA . ILE A 1 78  ? 0.914   4.646   15.912  1.00 5.38  ? 78  ILE A CA 1 
ATOM 79  C CA . PRO A 1 79  ? 2.068   8.043   17.275  1.00 4.33  ? 79  PRO A CA 1 
ATOM 80  C CA . SER A 1 80  ? 4.472   10.704  15.945  1.00 2.63  ? 80  SER A CA 1 
ATOM 81  C CA . ASN A 1 81  ? 8.221   10.116  15.604  1.00 2.43  ? 81  ASN A CA 1 
ATOM 82  C CA . THR A 1 82  ? 8.047   6.346   15.623  1.00 2.59  ? 82  THR A CA 1 
ATOM 83  C CA . THR A 1 83  ? 10.005  3.589   13.926  1.00 5.90  ? 83  THR A CA 1 
ATOM 84  C CA . ILE A 1 84  ? 8.732   -0.003  13.992  1.00 5.76  ? 84  ILE A CA 1 
ATOM 85  C CA . ILE A 1 85  ? 11.160  -2.435  12.463  1.00 5.75  ? 85  ILE A CA 1 
ATOM 86  C CA . GLY A 1 86  ? 10.941  -6.207  12.330  1.00 6.13  ? 86  GLY A CA 1 
ATOM 87  C CA . VAL A 1 87  ? 13.952  -8.347  13.151  1.00 11.24 ? 87  VAL A CA 1 
ATOM 88  C CA . GLY A 1 88  ? 14.657  -10.630 10.219  1.00 15.93 ? 88  GLY A CA 1 
ATOM 89  C CA . SER A 1 89  ? 11.534  -12.621 9.414   1.00 12.74 ? 89  SER A CA 1 
ATOM 90  C CA . ASN A 1 90  ? 9.942   -12.175 12.852  1.00 9.31  ? 90  ASN A CA 1 
ATOM 91  C CA . GLY A 1 91  ? 8.011   -8.920  12.318  1.00 8.18  ? 91  GLY A CA 1 
ATOM 92  C CA . LYS A 1 92  ? 4.631   -10.514 11.538  1.00 8.58  ? 92  LYS A CA 1 
ATOM 93  C CA . PHE A 1 93  ? 1.285   -8.894  12.390  1.00 7.84  ? 93  PHE A CA 1 
ATOM 94  C CA . THR A 1 94  ? -2.034  -10.720 12.380  1.00 5.63  ? 94  THR A CA 1 
ATOM 95  C CA . ASN A 1 95  ? -5.656  -9.940  13.225  1.00 8.35  ? 95  ASN A CA 1 
ATOM 96  C CA . GLY A 1 96  ? -5.540  -6.151  13.210  1.00 8.95  ? 96  GLY A CA 1 
ATOM 97  C CA . SER A 1 97  ? -4.764  -2.791  11.612  1.00 7.57  ? 97  SER A CA 1 
ATOM 98  C CA . LEU A 1 98  ? -1.896  -0.327  11.967  1.00 7.36  ? 98  LEU A CA 1 
ATOM 99  C CA . VAL A 1 99  ? -3.391  3.182   12.048  1.00 3.74  ? 99  VAL A CA 1 
ATOM 100 C CA . ILE A 1 100 ? -1.174  6.178   11.365  1.00 4.11  ? 100 ILE A CA 1 
ATOM 101 C CA . LYS A 1 101 ? -3.686  8.960   11.951  1.00 3.84  ? 101 LYS A CA 1 
ATOM 102 C CA . GLY A 1 102 ? -3.076  12.657  12.505  1.00 5.28  ? 102 GLY A CA 1 
ATOM 103 C CA . VAL A 1 103 ? 0.614   12.108  13.141  1.00 3.92  ? 103 VAL A CA 1 
ATOM 104 C CA . LYS A 1 104 ? 3.955   12.968  11.560  1.00 10.07 ? 104 LYS A CA 1 
ATOM 105 C CA . ASN A 1 105 ? 7.319   11.336  10.823  1.00 5.32  ? 105 ASN A CA 1 
ATOM 106 C CA . VAL A 1 106 ? 6.734   7.564   11.011  1.00 4.02  ? 106 VAL A CA 1 
ATOM 107 C CA . ILE A 1 107 ? 8.741   4.670   9.644   1.00 4.97  ? 107 ILE A CA 1 
ATOM 108 C CA . LEU A 1 108 ? 7.572   1.098   9.132   1.00 6.70  ? 108 LEU A CA 1 
ATOM 109 C CA . ARG A 1 109 ? 10.160  -1.377  7.874   1.00 6.54  ? 109 ARG A CA 1 
ATOM 110 C CA . ASN A 1 110 ? 10.641  -5.096  7.350   1.00 6.27  ? 110 ASN A CA 1 
ATOM 111 C CA . LEU A 1 111 ? 7.153   -6.137  8.519   1.00 7.35  ? 111 LEU A CA 1 
ATOM 112 C CA . TYR A 1 112 ? 4.610   -8.712  7.266   1.00 6.91  ? 112 TYR A CA 1 
ATOM 113 C CA . ILE A 1 113 ? 0.966   -7.696  7.802   1.00 9.98  ? 113 ILE A CA 1 
ATOM 114 C CA . GLU A 1 114 ? -1.759  -10.206 7.059   1.00 7.20  ? 114 GLU A CA 1 
ATOM 115 C CA . THR A 1 115 ? -4.994  -8.389  6.224   1.00 4.49  ? 115 THR A CA 1 
ATOM 116 C CA . PRO A 1 116 ? -7.625  -8.449  9.007   1.00 6.16  ? 116 PRO A CA 1 
ATOM 117 C CA . VAL A 1 117 ? -10.889 -10.295 8.573   1.00 9.02  ? 117 VAL A CA 1 
ATOM 118 C CA . ASP A 1 118 ? -14.033 -8.412  9.522   1.00 11.17 ? 118 ASP A CA 1 
ATOM 119 C CA . VAL A 1 119 ? -16.018 -10.720 11.927  1.00 17.47 ? 119 VAL A CA 1 
ATOM 120 C CA . ALA A 1 120 ? -19.267 -8.876  11.196  1.00 19.25 ? 120 ALA A CA 1 
ATOM 121 C CA . PRO A 1 121 ? -19.474 -7.805  7.525   1.00 23.50 ? 121 PRO A CA 1 
ATOM 122 C CA . HIS A 1 122 ? -22.013 -4.907  7.092   1.00 33.20 ? 122 HIS A CA 1 
ATOM 123 C CA . TYR A 1 123 ? -24.434 -4.968  4.117   1.00 33.86 ? 123 TYR A CA 1 
ATOM 124 C CA . GLU A 1 124 ? -25.591 -2.649  1.292   1.00 37.58 ? 124 GLU A CA 1 
ATOM 125 C CA . SER A 1 125 ? -23.641 0.412   2.543   1.00 42.23 ? 125 SER A CA 1 
ATOM 126 C CA . GLY A 1 126 ? -22.045 0.505   -0.827  1.00 42.09 ? 126 GLY A CA 1 
ATOM 127 C CA . ASP A 1 127 ? -23.685 -2.692  -2.037  1.00 38.31 ? 127 ASP A CA 1 
ATOM 128 C CA . GLY A 1 128 ? -23.515 -6.306  -1.133  1.00 32.07 ? 128 GLY A CA 1 
ATOM 129 C CA . TRP A 1 129 ? -21.247 -7.150  1.766   1.00 28.26 ? 129 TRP A CA 1 
ATOM 130 C CA . ASN A 1 130 ? -18.012 -5.363  2.645   1.00 24.26 ? 130 ASN A CA 1 
ATOM 131 C CA . ALA A 1 131 ? -15.613 -5.284  5.586   1.00 18.19 ? 131 ALA A CA 1 
ATOM 132 C CA . GLU A 1 132 ? -14.629 -2.076  7.348   1.00 14.39 ? 132 GLU A CA 1 
ATOM 133 C CA . TRP A 1 133 ? -10.985 -2.737  8.342   1.00 11.03 ? 133 TRP A CA 1 
ATOM 134 C CA . ASP A 1 134 ? -7.759  -2.487  6.331   1.00 8.84  ? 134 ASP A CA 1 
ATOM 135 C CA . ALA A 1 135 ? -4.203  -3.771  6.854   1.00 6.51  ? 135 ALA A CA 1 
ATOM 136 C CA . ALA A 1 136 ? -2.630  -0.282  7.167   1.00 6.58  ? 136 ALA A CA 1 
ATOM 137 C CA . VAL A 1 137 ? -3.998  3.299   7.116   1.00 6.56  ? 137 VAL A CA 1 
ATOM 138 C CA . ILE A 1 138 ? -2.311  6.681   6.643   1.00 4.65  ? 138 ILE A CA 1 
ATOM 139 C CA . ASP A 1 139 ? -4.999  9.151   7.712   1.00 6.04  ? 139 ASP A CA 1 
ATOM 140 C CA . ASN A 1 140 ? -4.100  12.848  7.836   1.00 6.27  ? 140 ASN A CA 1 
ATOM 141 C CA . SER A 1 141 ? -0.415  12.106  8.489   1.00 3.39  ? 141 SER A CA 1 
ATOM 142 C CA . THR A 1 142 ? 2.746   13.458  6.833   1.00 4.45  ? 142 THR A CA 1 
ATOM 143 C CA . ASN A 1 143 ? 6.265   12.087  6.299   1.00 6.85  ? 143 ASN A CA 1 
ATOM 144 C CA . VAL A 1 144 ? 5.645   8.344   6.380   1.00 5.43  ? 144 VAL A CA 1 
ATOM 145 C CA . TRP A 1 145 ? 8.043   5.706   5.036   1.00 2.93  ? 145 TRP A CA 1 
ATOM 146 C CA . VAL A 1 146 ? 6.769   2.148   4.350   1.00 2.64  ? 146 VAL A CA 1 
ATOM 147 C CA . ASP A 1 147 ? 9.757   0.009   3.370   1.00 3.06  ? 147 ASP A CA 1 
ATOM 148 C CA . HIS A 1 148 ? 10.245  -3.749  2.930   1.00 2.00  ? 148 HIS A CA 1 
ATOM 149 C CA . VAL A 1 149 ? 6.679   -4.452  4.017   1.00 3.80  ? 149 VAL A CA 1 
ATOM 150 C CA . THR A 1 150 ? 4.566   -7.389  2.821   1.00 3.50  ? 150 THR A CA 1 
ATOM 151 C CA . ILE A 1 151 ? 0.778   -7.183  3.023   1.00 2.00  ? 151 ILE A CA 1 
ATOM 152 C CA . SER A 1 152 ? -1.172  -10.259 1.973   1.00 5.58  ? 152 SER A CA 1 
ATOM 153 C CA . ASP A 1 153 ? -4.472  -12.045 2.631   1.00 8.43  ? 153 ASP A CA 1 
ATOM 154 C CA . GLY A 1 154 ? -2.272  -14.864 3.926   1.00 11.00 ? 154 GLY A CA 1 
ATOM 155 C CA . SER A 1 155 ? -4.206  -17.782 5.361   1.00 17.21 ? 155 SER A CA 1 
ATOM 156 C CA . PHE A 1 156 ? -7.610  -16.349 4.500   1.00 15.39 ? 156 PHE A CA 1 
ATOM 157 C CA . THR A 1 157 ? -7.651  -15.737 0.784   1.00 13.69 ? 157 THR A CA 1 
ATOM 158 C CA . ASP A 1 158 ? -10.895 -14.573 -0.869  1.00 16.76 ? 158 ASP A CA 1 
ATOM 159 C CA . ASP A 1 159 ? -11.721 -17.964 -2.334  1.00 22.24 ? 159 ASP A CA 1 
ATOM 160 C CA . LYS A 1 160 ? -12.485 -18.973 1.272   1.00 23.16 ? 160 LYS A CA 1 
ATOM 161 C CA . TYR A 1 161 ? -15.274 -16.372 1.647   1.00 24.49 ? 161 TYR A CA 1 
ATOM 162 C CA . THR A 1 162 ? -18.757 -17.705 2.554   1.00 30.21 ? 162 THR A CA 1 
ATOM 163 C CA . THR A 1 163 ? -22.223 -16.711 1.438   1.00 34.63 ? 163 THR A CA 1 
ATOM 164 C CA . LYS A 1 164 ? -25.110 -15.088 3.312   1.00 34.88 ? 164 LYS A CA 1 
ATOM 165 C CA . ASP A 1 165 ? -28.534 -14.180 1.951   1.00 37.72 ? 165 ASP A CA 1 
ATOM 166 C CA . GLY A 1 166 ? -27.347 -15.514 -1.376  1.00 35.45 ? 166 GLY A CA 1 
ATOM 167 C CA . GLU A 1 167 ? -24.532 -13.002 -1.517  1.00 33.81 ? 167 GLU A CA 1 
ATOM 168 C CA . LYS A 1 168 ? -20.737 -13.136 -1.169  1.00 29.74 ? 168 LYS A CA 1 
ATOM 169 C CA . TYR A 1 169 ? -19.920 -12.516 2.495   1.00 20.96 ? 169 TYR A CA 1 
ATOM 170 C CA . VAL A 1 170 ? -16.856 -10.228 2.049   1.00 18.35 ? 170 VAL A CA 1 
ATOM 171 C CA . GLN A 1 171 ? -14.577 -9.979  5.076   1.00 15.25 ? 171 GLN A CA 1 
ATOM 172 C CA . HIS A 1 172 ? -11.567 -8.152  3.587   1.00 11.76 ? 172 HIS A CA 1 
ATOM 173 C CA . ASP A 1 173 ? -11.248 -4.476  2.647   1.00 12.57 ? 173 ASP A CA 1 
ATOM 174 C CA . GLY A 1 174 ? -8.171  -2.426  1.707   1.00 7.88  ? 174 GLY A CA 1 
ATOM 175 C CA . ALA A 1 175 ? -4.522  -3.329  2.111   1.00 4.41  ? 175 ALA A CA 1 
ATOM 176 C CA . LEU A 1 176 ? -3.198  0.225   2.514   1.00 5.67  ? 176 LEU A CA 1 
ATOM 177 C CA . ASP A 1 177 ? -5.293  3.401   2.518   1.00 6.83  ? 177 ASP A CA 1 
ATOM 178 C CA . ILE A 1 178 ? -3.807  6.910   2.228   1.00 3.61  ? 178 ILE A CA 1 
ATOM 179 C CA . LYS A 1 179 ? -6.269  9.741   2.756   1.00 6.33  ? 179 LYS A CA 1 
ATOM 180 C CA . LYS A 1 180 ? -7.386  13.022  4.299   1.00 4.88  ? 180 LYS A CA 1 
ATOM 181 C CA . GLY A 1 181 ? -4.548  15.442  3.661   1.00 3.70  ? 181 GLY A CA 1 
ATOM 182 C CA . SER A 1 182 ? -1.800  12.828  4.064   1.00 4.64  ? 182 SER A CA 1 
ATOM 183 C CA . ASP A 1 183 ? 1.359   13.786  2.211   1.00 4.93  ? 183 ASP A CA 1 
ATOM 184 C CA . TYR A 1 184 ? 5.080   13.113  1.748   1.00 8.03  ? 184 TYR A CA 1 
ATOM 185 C CA . VAL A 1 185 ? 4.977   9.314   1.499   1.00 5.26  ? 185 VAL A CA 1 
ATOM 186 C CA . THR A 1 186 ? 7.447   6.781   0.124   1.00 5.14  ? 186 THR A CA 1 
ATOM 187 C CA . ILE A 1 187 ? 6.683   3.094   -0.268  1.00 4.70  ? 187 ILE A CA 1 
ATOM 188 C CA . SER A 1 188 ? 9.695   1.041   -1.279  1.00 2.00  ? 188 SER A CA 1 
ATOM 189 C CA . TYR A 1 189 ? 10.853  -2.574  -1.579  1.00 4.30  ? 189 TYR A CA 1 
ATOM 190 C CA . SER A 1 190 ? 7.444   -3.803  -0.513  1.00 2.01  ? 190 SER A CA 1 
ATOM 191 C CA . ARG A 1 191 ? 5.182   -6.569  -1.725  1.00 2.01  ? 191 ARG A CA 1 
ATOM 192 C CA . PHE A 1 192 ? 1.427   -6.283  -2.037  1.00 5.23  ? 192 PHE A CA 1 
ATOM 193 C CA . GLU A 1 193 ? 0.000   -9.665  -3.034  1.00 7.20  ? 193 GLU A CA 1 
ATOM 194 C CA . LEU A 1 194 ? -3.098  -11.850 -2.984  1.00 7.14  ? 194 LEU A CA 1 
ATOM 195 C CA . HIS A 1 195 ? -5.693  -9.173  -2.358  1.00 4.82  ? 195 HIS A CA 1 
ATOM 196 C CA . ASP A 1 196 ? -8.675  -7.530  -4.072  1.00 6.42  ? 196 ASP A CA 1 
ATOM 197 C CA . LYS A 1 197 ? -9.063  -3.774  -3.339  1.00 7.29  ? 197 LYS A CA 1 
ATOM 198 C CA . THR A 1 198 ? -5.396  -2.933  -2.613  1.00 4.32  ? 198 THR A CA 1 
ATOM 199 C CA . ILE A 1 199 ? -4.240  0.786   -2.416  1.00 7.09  ? 199 ILE A CA 1 
ATOM 200 C CA . LEU A 1 200 ? -6.711  3.679   -2.256  1.00 5.73  ? 200 LEU A CA 1 
ATOM 201 C CA . ILE A 1 201 ? -5.273  7.188   -2.219  1.00 2.24  ? 201 ILE A CA 1 
ATOM 202 C CA . GLY A 1 202 ? -7.990  9.809   -1.846  1.00 2.01  ? 202 GLY A CA 1 
ATOM 203 C CA . HIS A 1 203 ? -11.172 8.569   -0.207  1.00 8.18  ? 203 HIS A CA 1 
ATOM 204 C CA . SER A 1 204 ? -13.722 10.989  -1.694  1.00 7.70  ? 204 SER A CA 1 
ATOM 205 C CA . ASP A 1 205 ? -14.057 12.968  -4.919  1.00 16.95 ? 205 ASP A CA 1 
ATOM 206 C CA . SER A 1 206 ? -15.520 15.796  -2.852  1.00 14.23 ? 206 SER A CA 1 
ATOM 207 C CA . ASN A 1 207 ? -12.535 16.140  -0.483  1.00 11.62 ? 207 ASN A CA 1 
ATOM 208 C CA . GLY A 1 208 ? -10.773 18.564  -2.832  1.00 11.79 ? 208 GLY A CA 1 
ATOM 209 C CA . SER A 1 209 ? -10.427 21.308  -0.213  1.00 17.37 ? 209 SER A CA 1 
ATOM 210 C CA . GLN A 1 210 ? -8.261  19.074  2.003   1.00 10.59 ? 210 GLN A CA 1 
ATOM 211 C CA . ASP A 1 211 ? -6.679  16.766  -0.599  1.00 4.53  ? 211 ASP A CA 1 
ATOM 212 C CA . SER A 1 212 ? -5.702  19.074  -3.457  1.00 7.87  ? 212 SER A CA 1 
ATOM 213 C CA . GLY A 1 213 ? -1.965  19.433  -3.842  1.00 9.15  ? 213 GLY A CA 1 
ATOM 214 C CA . LYS A 1 214 ? -1.277  16.764  -1.206  1.00 8.50  ? 214 LYS A CA 1 
ATOM 215 C CA . LEU A 1 215 ? -1.386  12.951  -1.354  1.00 5.25  ? 215 LEU A CA 1 
ATOM 216 C CA . ARG A 1 216 ? 2.032   12.851  -2.997  1.00 6.44  ? 216 ARG A CA 1 
ATOM 217 C CA . VAL A 1 217 ? 3.346   9.282   -2.870  1.00 4.35  ? 217 VAL A CA 1 
ATOM 218 C CA . THR A 1 218 ? 6.409   7.586   -4.377  1.00 4.85  ? 218 THR A CA 1 
ATOM 219 C CA . PHE A 1 219 ? 6.466   3.885   -5.258  1.00 3.48  ? 219 PHE A CA 1 
ATOM 220 C CA . HIS A 1 220 ? 9.738   2.201   -6.146  1.00 3.45  ? 220 HIS A CA 1 
ATOM 221 C CA . ASN A 1 221 ? 11.165  -1.308  -6.188  1.00 2.00  ? 221 ASN A CA 1 
ATOM 222 C CA . ASN A 1 222 ? 7.801   -2.741  -5.117  1.00 4.56  ? 222 ASN A CA 1 
ATOM 223 C CA . VAL A 1 223 ? 5.954   -5.819  -6.370  1.00 6.32  ? 223 VAL A CA 1 
ATOM 224 C CA . PHE A 1 224 ? 2.208   -6.070  -6.998  1.00 6.62  ? 224 PHE A CA 1 
ATOM 225 C CA . ASP A 1 225 ? 1.339   -9.711  -7.425  1.00 7.87  ? 225 ASP A CA 1 
ATOM 226 C CA . ARG A 1 226 ? -2.171  -11.123 -7.808  1.00 6.58  ? 226 ARG A CA 1 
ATOM 227 C CA . VAL A 1 227 ? -4.015  -8.032  -6.581  1.00 5.05  ? 227 VAL A CA 1 
ATOM 228 C CA . THR A 1 228 ? -7.228  -7.276  -8.482  1.00 11.03 ? 228 THR A CA 1 
ATOM 229 C CA . GLU A 1 229 ? -7.307  -3.480  -8.449  1.00 7.51  ? 229 GLU A CA 1 
ATOM 230 C CA . ARG A 1 230 ? -5.968  -0.207  -7.009  1.00 6.56  ? 230 ARG A CA 1 
ATOM 231 C CA . ALA A 1 231 ? -2.172  -0.303  -7.454  1.00 5.43  ? 231 ALA A CA 1 
ATOM 232 C CA . PRO A 1 232 ? -2.945  2.507   -6.795  1.00 4.92  ? 232 PRO A CA 1 
ATOM 233 C CA . ARG A 1 233 ? -6.270  4.193   -7.437  1.00 8.67  ? 233 ARG A CA 1 
ATOM 234 C CA . VAL A 1 234 ? -5.891  7.930   -6.850  1.00 5.95  ? 234 VAL A CA 1 
ATOM 235 C CA . ARG A 1 235 ? -8.025  11.050  -6.381  1.00 2.00  ? 235 ARG A CA 1 
ATOM 236 C CA . PHE A 1 236 ? -6.276  14.423  -6.066  1.00 3.81  ? 236 PHE A CA 1 
ATOM 237 C CA . GLY A 1 237 ? -2.888  12.756  -5.567  1.00 6.01  ? 237 GLY A CA 1 
ATOM 238 C CA . SER A 1 238 ? 0.212   12.919  -7.665  1.00 6.36  ? 238 SER A CA 1 
ATOM 239 C CA . ILE A 1 239 ? 1.869   9.542   -7.931  1.00 3.48  ? 239 ILE A CA 1 
ATOM 240 C CA . HIS A 1 240 ? 5.364   8.706   -9.098  1.00 2.00  ? 240 HIS A CA 1 
ATOM 241 C CA . ALA A 1 241 ? 5.971   4.997   -9.661  1.00 2.47  ? 241 ALA A CA 1 
ATOM 242 C CA . TYR A 1 242 ? 9.340   3.771   -10.945 1.00 5.25  ? 242 TYR A CA 1 
ATOM 243 C CA . ASN A 1 243 ? 11.055  0.399   -11.131 1.00 5.26  ? 243 ASN A CA 1 
ATOM 244 C CA . ASN A 1 244 ? 8.063   -1.639  -9.955  1.00 3.20  ? 244 ASN A CA 1 
ATOM 245 C CA . VAL A 1 245 ? 6.838   -5.065  -11.035 1.00 4.46  ? 245 VAL A CA 1 
ATOM 246 C CA . TYR A 1 246 ? 3.175   -5.847  -11.745 1.00 2.46  ? 246 TYR A CA 1 
ATOM 247 C CA . LEU A 1 247 ? 2.204   -9.525  -11.982 1.00 5.47  ? 247 LEU A CA 1 
ATOM 248 C CA . GLY A 1 248 ? -1.291  -10.649 -12.880 1.00 6.00  ? 248 GLY A CA 1 
ATOM 249 C CA . ASP A 1 249 ? -3.779  -12.674 -14.886 1.00 9.24  ? 249 ASP A CA 1 
ATOM 250 C CA . VAL A 1 250 ? -7.197  -11.486 -16.028 1.00 9.48  ? 250 VAL A CA 1 
ATOM 251 C CA . LYS A 1 251 ? -8.256  -15.146 -15.973 1.00 14.82 ? 251 LYS A CA 1 
ATOM 252 C CA . HIS A 1 252 ? -7.053  -15.763 -12.397 1.00 12.48 ? 252 HIS A CA 1 
ATOM 253 C CA . SER A 1 253 ? -9.632  -17.693 -10.383 1.00 18.65 ? 253 SER A CA 1 
ATOM 254 C CA . VAL A 1 254 ? -9.140  -15.923 -7.031  1.00 16.38 ? 254 VAL A CA 1 
ATOM 255 C CA . TYR A 1 255 ? -7.692  -12.467 -7.713  1.00 10.79 ? 255 TYR A CA 1 
ATOM 256 C CA . PRO A 1 256 ? -8.468  -11.628 -11.388 1.00 12.06 ? 256 PRO A CA 1 
ATOM 257 C CA . TYR A 1 257 ? -6.514  -8.653  -12.734 1.00 9.09  ? 257 TYR A CA 1 
ATOM 258 C CA . LEU A 1 258 ? -8.770  -5.679  -13.375 1.00 7.80  ? 258 LEU A CA 1 
ATOM 259 C CA . TYR A 1 259 ? -6.377  -2.698  -13.635 1.00 5.35  ? 259 TYR A CA 1 
ATOM 260 C CA . SER A 1 260 ? -3.274  -1.262  -11.988 1.00 2.80  ? 260 SER A CA 1 
ATOM 261 C CA . PHE A 1 261 ? -3.548  2.510   -12.135 1.00 2.73  ? 261 PHE A CA 1 
ATOM 262 C CA . GLY A 1 262 ? -6.986  3.952   -11.358 1.00 3.78  ? 262 GLY A CA 1 
ATOM 263 C CA . LEU A 1 263 ? -7.204  7.582   -12.498 1.00 6.34  ? 263 LEU A CA 1 
ATOM 264 C CA . GLY A 1 264 ? -9.763  9.291   -10.299 1.00 7.93  ? 264 GLY A CA 1 
ATOM 265 C CA . THR A 1 265 ? -10.790 12.954  -9.990  1.00 8.51  ? 265 THR A CA 1 
ATOM 266 C CA . SER A 1 266 ? -7.689  15.178  -10.203 1.00 8.95  ? 266 SER A CA 1 
ATOM 267 C CA . GLY A 1 267 ? -5.438  12.122  -9.982  1.00 3.88  ? 267 GLY A CA 1 
ATOM 268 C CA . SER A 1 268 ? -2.092  12.208  -11.778 1.00 4.05  ? 268 SER A CA 1 
ATOM 269 C CA . ILE A 1 269 ? 0.268   9.307   -12.375 1.00 3.94  ? 269 ILE A CA 1 
ATOM 270 C CA . LEU A 1 270 ? 3.827   9.294   -13.722 1.00 3.88  ? 270 LEU A CA 1 
ATOM 271 C CA . SER A 1 271 ? 5.013   5.780   -14.520 1.00 3.35  ? 271 SER A CA 1 
ATOM 272 C CA . GLU A 1 272 ? 8.652   5.100   -15.347 1.00 5.33  ? 272 GLU A CA 1 
ATOM 273 C CA . SER A 1 273 ? 10.490  1.875   -16.044 1.00 2.37  ? 273 SER A CA 1 
ATOM 274 C CA . ASN A 1 274 ? 7.998   -0.538  -14.541 1.00 3.15  ? 274 ASN A CA 1 
ATOM 275 C CA . SER A 1 275 ? 7.423   -4.134  -15.620 1.00 4.71  ? 275 SER A CA 1 
ATOM 276 C CA . PHE A 1 276 ? 3.939   -5.440  -16.328 1.00 5.76  ? 276 PHE A CA 1 
ATOM 277 C CA . THR A 1 277 ? 3.526   -9.155  -16.877 1.00 7.12  ? 277 THR A CA 1 
ATOM 278 C CA . LEU A 1 278 ? -0.217  -9.604  -17.275 1.00 9.81  ? 278 LEU A CA 1 
ATOM 279 C CA . SER A 1 279 ? -1.758  -12.501 -19.174 1.00 13.63 ? 279 SER A CA 1 
ATOM 280 C CA . ASN A 1 280 ? -5.165  -12.700 -20.842 1.00 12.75 ? 280 ASN A CA 1 
ATOM 281 C CA . LEU A 1 281 ? -5.657  -8.923  -21.143 1.00 11.53 ? 281 LEU A CA 1 
ATOM 282 C CA . LYS A 1 282 ? -8.619  -7.829  -23.246 1.00 14.74 ? 282 LYS A CA 1 
ATOM 283 C CA . SER A 1 283 ? -9.702  -4.741  -25.191 1.00 18.17 ? 283 SER A CA 1 
ATOM 284 C CA . ILE A 1 284 ? -12.024 -2.402  -23.342 1.00 24.12 ? 284 ILE A CA 1 
ATOM 285 C CA . ASP A 1 285 ? -14.046 0.068   -25.439 1.00 24.34 ? 285 ASP A CA 1 
ATOM 286 C CA . GLY A 1 286 ? -12.193 -1.195  -28.501 1.00 10.56 ? 286 GLY A CA 1 
ATOM 287 C CA . LYS A 1 287 ? -8.846  0.113   -27.215 1.00 9.79  ? 287 LYS A CA 1 
ATOM 288 C CA . ASN A 1 288 ? -5.627  -1.920  -27.200 1.00 10.38 ? 288 ASN A CA 1 
ATOM 289 C CA . PRO A 1 289 ? -5.674  -4.609  -24.519 1.00 10.86 ? 289 PRO A CA 1 
ATOM 290 C CA . GLU A 1 290 ? -2.653  -3.007  -22.832 1.00 11.90 ? 290 GLU A CA 1 
ATOM 291 C CA . CYS A 1 291 ? -4.784  0.059   -22.154 1.00 11.18 ? 291 CYS A CA 1 
ATOM 292 C CA . SER A 1 292 ? -6.543  -1.950  -19.425 1.00 11.88 ? 292 SER A CA 1 
ATOM 293 C CA . ILE A 1 293 ? -3.505  -1.238  -17.226 1.00 6.87  ? 293 ILE A CA 1 
ATOM 294 C CA . VAL A 1 294 ? -4.831  2.309   -16.742 1.00 4.49  ? 294 VAL A CA 1 
ATOM 295 C CA . LYS A 1 295 ? -8.431  2.757   -15.616 1.00 9.21  ? 295 LYS A CA 1 
ATOM 296 C CA . GLN A 1 296 ? -9.781  6.200   -16.445 1.00 13.32 ? 296 GLN A CA 1 
ATOM 297 C CA . PHE A 1 297 ? -12.400 6.966   -13.811 1.00 11.31 ? 297 PHE A CA 1 
ATOM 298 C CA . ASN A 1 298 ? -12.551 10.769  -13.819 1.00 9.18  ? 298 ASN A CA 1 
ATOM 299 C CA . SER A 1 299 ? -9.032  11.787  -15.008 1.00 7.09  ? 299 SER A CA 1 
ATOM 300 C CA . LYS A 1 300 ? -6.682  11.240  -18.011 1.00 7.77  ? 300 LYS A CA 1 
ATOM 301 C CA . VAL A 1 301 ? -3.393  12.605  -16.630 1.00 5.28  ? 301 VAL A CA 1 
ATOM 302 C CA . PHE A 1 302 ? -0.856  9.780   -16.930 1.00 7.43  ? 302 PHE A CA 1 
ATOM 303 C CA . SER A 1 303 ? 2.527   9.325   -18.599 1.00 11.40 ? 303 SER A CA 1 
ATOM 304 C CA . ASP A 1 304 ? 4.753   6.290   -19.027 1.00 11.38 ? 304 ASP A CA 1 
ATOM 305 C CA . LYS A 1 305 ? 8.361   6.036   -20.126 1.00 13.09 ? 305 LYS A CA 1 
ATOM 306 C CA . GLY A 1 306 ? 10.596  2.976   -20.333 1.00 7.30  ? 306 GLY A CA 1 
ATOM 307 C CA . SER A 1 307 ? 8.243   0.268   -19.087 1.00 3.89  ? 307 SER A CA 1 
ATOM 308 C CA . LEU A 1 308 ? 8.023   -3.312  -20.337 1.00 6.78  ? 308 LEU A CA 1 
ATOM 309 C CA . VAL A 1 309 ? 4.650   -4.880  -21.031 1.00 6.83  ? 309 VAL A CA 1 
ATOM 310 C CA . ASN A 1 310 ? 4.872   -8.660  -21.227 1.00 13.07 ? 310 ASN A CA 1 
ATOM 311 C CA . GLY A 1 311 ? 8.528   -8.390  -22.269 1.00 14.68 ? 311 GLY A CA 1 
ATOM 312 C CA . SER A 1 312 ? 8.053   -5.754  -24.950 1.00 14.41 ? 312 SER A CA 1 
ATOM 313 C CA . THR A 1 313 ? 9.363   -2.195  -24.987 1.00 16.41 ? 313 THR A CA 1 
ATOM 314 C CA . THR A 1 314 ? 6.330   -1.365  -27.112 1.00 15.16 ? 314 THR A CA 1 
ATOM 315 C CA . THR A 1 315 ? 3.791   -0.768  -24.356 1.00 9.49  ? 315 THR A CA 1 
ATOM 316 C CA . LYS A 1 316 ? 1.020   0.895   -26.386 1.00 7.00  ? 316 LYS A CA 1 
ATOM 317 C CA . LEU A 1 317 ? 0.181   2.982   -23.301 1.00 8.45  ? 317 LEU A CA 1 
ATOM 318 C CA . ASP A 1 318 ? 0.370   5.978   -25.684 1.00 10.25 ? 318 ASP A CA 1 
ATOM 319 C CA . THR A 1 319 ? -2.727  4.728   -27.568 1.00 5.75  ? 319 THR A CA 1 
ATOM 320 C CA . CYS A 1 320 ? -5.202  5.073   -24.686 1.00 5.71  ? 320 CYS A CA 1 
ATOM 321 C CA . GLY A 1 321 ? -6.245  8.695   -25.095 1.00 2.01  ? 321 GLY A CA 1 
ATOM 322 C CA . LEU A 1 322 ? -4.393  9.701   -21.940 1.00 3.26  ? 322 LEU A CA 1 
ATOM 323 C CA . THR A 1 323 ? -3.106  13.245  -21.528 1.00 11.23 ? 323 THR A CA 1 
ATOM 324 C CA . ALA A 1 324 ? 0.615   13.725  -20.944 1.00 17.30 ? 324 ALA A CA 1 
ATOM 325 C CA . TYR A 1 325 ? 2.150   14.247  -17.534 1.00 15.22 ? 325 TYR A CA 1 
ATOM 326 C CA . LYS A 1 326 ? 5.697   15.579  -17.100 1.00 18.54 ? 326 LYS A CA 1 
ATOM 327 C CA . PRO A 1 327 ? 6.132   16.771  -13.491 1.00 14.11 ? 327 PRO A CA 1 
ATOM 328 C CA . THR A 1 328 ? 9.208   18.233  -11.864 1.00 16.32 ? 328 THR A CA 1 
ATOM 329 C CA . LEU A 1 329 ? 10.093  16.171  -8.823  1.00 11.08 ? 329 LEU A CA 1 
ATOM 330 C CA . PRO A 1 330 ? 11.939  17.949  -5.993  1.00 7.86  ? 330 PRO A CA 1 
ATOM 331 C CA . TYR A 1 331 ? 13.842  14.800  -5.022  1.00 5.31  ? 331 TYR A CA 1 
ATOM 332 C CA . LYS A 1 332 ? 16.671  13.255  -7.004  1.00 11.34 ? 332 LYS A CA 1 
ATOM 333 C CA . TYR A 1 333 ? 16.363  9.668   -8.202  1.00 12.01 ? 333 TYR A CA 1 
ATOM 334 C CA . SER A 1 334 ? 17.774  7.195   -10.724 1.00 19.08 ? 334 SER A CA 1 
ATOM 335 C CA . ALA A 1 335 ? 15.174  4.909   -12.312 1.00 14.27 ? 335 ALA A CA 1 
ATOM 336 C CA . GLN A 1 336 ? 17.142  1.994   -13.779 1.00 11.57 ? 336 GLN A CA 1 
ATOM 337 C CA . THR A 1 337 ? 16.423  0.863   -17.326 1.00 9.73  ? 337 THR A CA 1 
ATOM 338 C CA . MET A 1 338 ? 13.857  -1.955  -17.012 1.00 4.55  ? 338 MET A CA 1 
ATOM 339 C CA . THR A 1 339 ? 14.931  -5.377  -18.306 1.00 8.72  ? 339 THR A CA 1 
ATOM 340 C CA . SER A 1 340 ? 13.810  -8.957  -17.622 1.00 14.03 ? 340 SER A CA 1 
ATOM 341 C CA . SER A 1 341 ? 16.785  -9.172  -15.269 1.00 12.60 ? 341 SER A CA 1 
ATOM 342 C CA . LEU A 1 342 ? 15.803  -6.065  -13.319 1.00 6.12  ? 342 LEU A CA 1 
ATOM 343 C CA . ALA A 1 343 ? 12.255  -7.340  -12.906 1.00 4.49  ? 343 ALA A CA 1 
ATOM 344 C CA . THR A 1 344 ? 13.674  -10.600 -11.579 1.00 10.49 ? 344 THR A CA 1 
ATOM 345 C CA . SER A 1 345 ? 16.004  -8.748  -9.215  1.00 8.73  ? 345 SER A CA 1 
ATOM 346 C CA . ILE A 1 346 ? 13.223  -6.456  -7.915  1.00 8.91  ? 346 ILE A CA 1 
ATOM 347 C CA . ASN A 1 347 ? 10.888  -9.378  -7.236  1.00 10.30 ? 347 ASN A CA 1 
ATOM 348 C CA . ASN A 1 348 ? 13.651  -11.378 -5.518  1.00 13.72 ? 348 ASN A CA 1 
ATOM 349 C CA . ASN A 1 349 ? 14.353  -8.399  -3.249  1.00 12.65 ? 349 ASN A CA 1 
ATOM 350 C CA . ALA A 1 350 ? 10.866  -7.146  -2.339  1.00 11.49 ? 350 ALA A CA 1 
ATOM 351 C CA . GLY A 1 351 ? 9.135   -7.858  0.948   1.00 9.13  ? 351 GLY A CA 1 
ATOM 352 C CA . TYR A 1 352 ? 9.769   -8.414  4.652   1.00 12.12 ? 352 TYR A CA 1 
ATOM 353 C CA . GLY A 1 353 ? 12.673  -10.611 5.735   1.00 11.04 ? 353 GLY A CA 1 
ATOM 354 C CA . LYS A 1 354 ? 14.743  -9.087  2.904   1.00 11.75 ? 354 LYS A CA 1 
ATOM 355 C CA . LEU A 1 355 ? 16.037  -6.239  5.059   1.00 12.01 ? 355 LEU A CA 1 
# 
